data_4PKF
#
_entry.id   4PKF
#
_cell.length_a   113.424
_cell.length_b   120.421
_cell.length_c   136.048
_cell.angle_alpha   90.00
_cell.angle_beta   90.00
_cell.angle_gamma   90.00
#
_symmetry.space_group_name_H-M   'I 2 2 2'
#
loop_
_entity.id
_entity.type
_entity.pdbx_description
1 polymer TutD
2 polymer TutG
3 polymer TutF
4 non-polymer GLYCEROL
5 non-polymer 'CHLORIDE ION'
6 non-polymer 'IRON/SULFUR CLUSTER'
7 water water
#
loop_
_entity_poly.entity_id
_entity_poly.type
_entity_poly.pdbx_seq_one_letter_code
_entity_poly.pdbx_strand_id
1 'polypeptide(L)'
;MNDIVSAKVLEYKGKKLNFTPEDPAEETIPADELHEHLQKPSTARTKRLKERCRWKHASAGEFIEKSVTAGIERMRYLTE
AHKASEGKPEAIRRALGLANVLNKSTLVLQEDEFIVGYHAEDPNMFPLYPELSHMAVQDYLRSDYSPQPADEAAAINEYW
KPHSLQSKCQPYFDPADLGRMYQVSSMEAPSFASGYNSIVPPYETVLEDGLLARIKLAEKHIAEAQADMSTFPWNGTKGL
DNIAKIDNWKAMVIACKAVISWARRQGRLCKIVAENFETDPKRQAELLEIADICQRIPAEPCKGLKDAMQAKFFTFLICH
AIERYASGYAQKEDTLLWPYYKASVVDKKFQPMSHMDAVELVEMERLKISEHGAGKSRAYREIFPGSNDLFILTVGGTNA
KGEDACNDMTDAILEAAKRIRTAEPSIVFRYSKKNREKTLRWVFECIRDGLGYPSIKHDEIGTEQMKEYAKFSLNGNGAT
DEEAHNWVNVLCMSPGIHGRRKTQKTRSEGGGSIFPAKLLEISLNDGYDWSYADMQLGPKTGDLSSLKSFEDVWEAFRKQ
YQYAINLCISTKDVSRYFEQRFLQMPFVSAIDDGCMELGMDACALSEQPNGWHNPITTIVAANSLVAIKKLVFEEKKYTL
EQLSQALKANWEGFEEMRVDFKRAPKWGNDDDYADGIITRFYEEIIGGEMRKITNYSGGPVMPTGQAVGLYMEVGSRTGP
TPDGRFGGEAADDGGISPYMGTDKKGPTAVLRSVSKVQKNQKGNLLNQRLSVPIMRSKHGFEIWNSYIKTWHDLNIDHVQ
FNVVSTDEMRAAQREPEKHHDLIVRVSGYSARFVDIPTYGQNTIIARQEQDFSASDLEFLNVEISGTGSGSSHHHHHH
;
A
2 'polypeptide(L)'
;MEGSNMETGQNLQNQPHTEVGTARPCRSCKWQTPDPTDPHRGQCTANRHAMGGVWKRWLRDVENTTCSRHEEGKLSFRDH
V
;
B
3 'polypeptide(L)' MGTTTCKQCANFFPVPKDADDYEAGKADCVREKEDEKGKYWLSKPIFENSAQCEAFQTKR C
#
# COMPACT_ATOMS: atom_id res chain seq x y z
N LYS A 8 18.95 -31.24 4.45
CA LYS A 8 19.60 -32.15 3.50
C LYS A 8 18.85 -33.49 3.40
N VAL A 9 18.81 -34.23 4.51
CA VAL A 9 18.13 -35.53 4.56
C VAL A 9 17.19 -35.61 5.77
N LEU A 10 16.00 -36.15 5.54
CA LEU A 10 15.01 -36.32 6.61
C LEU A 10 14.31 -37.68 6.48
N GLU A 11 14.10 -38.37 7.59
CA GLU A 11 13.35 -39.62 7.55
C GLU A 11 11.87 -39.40 7.90
N TYR A 12 10.98 -39.90 7.04
CA TYR A 12 9.55 -39.64 7.15
C TYR A 12 8.75 -40.83 6.64
N LYS A 13 8.01 -41.44 7.55
CA LYS A 13 7.17 -42.59 7.25
C LYS A 13 7.96 -43.71 6.55
N GLY A 14 9.17 -43.99 7.04
CA GLY A 14 9.96 -45.07 6.48
C GLY A 14 10.55 -44.79 5.10
N LYS A 15 10.70 -43.50 4.75
CA LYS A 15 11.44 -43.08 3.57
C LYS A 15 12.53 -42.10 3.98
N LYS A 16 13.59 -41.99 3.19
CA LYS A 16 14.59 -40.95 3.44
C LYS A 16 14.42 -39.85 2.41
N LEU A 17 13.94 -38.68 2.85
CA LEU A 17 13.73 -37.58 1.91
C LEU A 17 15.03 -36.82 1.69
N ASN A 18 15.34 -36.58 0.42
CA ASN A 18 16.55 -35.89 0.01
C ASN A 18 16.19 -34.50 -0.51
N PHE A 19 16.74 -33.47 0.12
CA PHE A 19 16.34 -32.11 -0.21
C PHE A 19 17.36 -31.48 -1.16
N THR A 20 17.65 -32.17 -2.24
CA THR A 20 18.56 -31.66 -3.23
C THR A 20 17.75 -30.83 -4.22
N PRO A 21 18.33 -29.73 -4.77
CA PRO A 21 17.53 -28.86 -5.64
C PRO A 21 17.06 -29.52 -6.93
N GLU A 22 15.92 -29.06 -7.43
CA GLU A 22 15.35 -29.59 -8.66
C GLU A 22 16.27 -29.34 -9.86
N ASP A 23 16.87 -28.16 -9.93
CA ASP A 23 17.87 -27.94 -10.95
C ASP A 23 19.27 -28.33 -10.45
N PRO A 24 19.82 -29.43 -10.99
CA PRO A 24 21.10 -29.99 -10.50
C PRO A 24 22.21 -28.95 -10.46
N ALA A 25 22.15 -27.94 -11.35
CA ALA A 25 23.11 -26.84 -11.36
C ALA A 25 23.19 -26.10 -10.02
N GLU A 26 22.05 -25.99 -9.33
CA GLU A 26 22.00 -25.31 -8.04
C GLU A 26 22.73 -26.01 -6.92
N GLU A 27 23.13 -27.28 -7.12
CA GLU A 27 23.89 -27.99 -6.10
C GLU A 27 25.16 -27.27 -5.72
N THR A 28 25.73 -26.56 -6.68
CA THR A 28 27.05 -25.97 -6.53
C THR A 28 27.06 -24.45 -6.69
N ILE A 29 25.95 -23.86 -7.12
CA ILE A 29 25.84 -22.39 -7.09
C ILE A 29 25.92 -22.00 -5.64
N PRO A 30 26.84 -21.07 -5.28
CA PRO A 30 26.92 -20.62 -3.88
C PRO A 30 25.59 -20.08 -3.38
N ALA A 31 25.27 -20.45 -2.13
CA ALA A 31 24.02 -20.10 -1.49
C ALA A 31 23.83 -18.61 -1.49
N ASP A 32 24.94 -17.89 -1.38
CA ASP A 32 24.87 -16.44 -1.24
C ASP A 32 24.70 -15.70 -2.55
N GLU A 33 24.44 -16.39 -3.67
CA GLU A 33 24.15 -15.64 -4.89
C GLU A 33 23.00 -16.21 -5.73
N LEU A 34 22.26 -17.13 -5.14
CA LEU A 34 21.23 -17.87 -5.86
C LEU A 34 20.28 -17.01 -6.71
N HIS A 35 19.77 -15.92 -6.14
CA HIS A 35 18.68 -15.20 -6.83
C HIS A 35 19.17 -14.33 -7.98
N GLU A 36 20.48 -14.19 -8.12
CA GLU A 36 21.02 -13.46 -9.27
C GLU A 36 20.99 -14.37 -10.50
N HIS A 37 20.57 -15.61 -10.33
CA HIS A 37 20.51 -16.52 -11.47
C HIS A 37 19.13 -16.81 -12.02
N LEU A 38 18.08 -16.21 -11.46
CA LEU A 38 16.74 -16.75 -11.74
C LEU A 38 15.87 -15.99 -12.74
N GLN A 39 16.15 -14.71 -13.02
CA GLN A 39 15.27 -14.00 -13.96
C GLN A 39 15.37 -14.58 -15.37
N LYS A 40 14.25 -14.54 -16.07
CA LYS A 40 14.21 -14.91 -17.49
C LYS A 40 13.09 -14.12 -18.20
N PRO A 41 13.34 -12.83 -18.47
CA PRO A 41 12.34 -12.03 -19.19
C PRO A 41 11.99 -12.72 -20.50
N SER A 42 10.69 -12.80 -20.81
CA SER A 42 10.22 -13.59 -21.94
C SER A 42 10.68 -13.09 -23.32
N THR A 43 11.08 -11.83 -23.43
CA THR A 43 11.51 -11.34 -24.73
C THR A 43 12.70 -10.43 -24.58
N ALA A 44 13.39 -10.17 -25.69
CA ALA A 44 14.50 -9.23 -25.70
C ALA A 44 14.01 -7.85 -25.23
N ARG A 45 12.81 -7.49 -25.66
CA ARG A 45 12.24 -6.22 -25.31
C ARG A 45 12.04 -6.08 -23.78
N THR A 46 11.35 -7.02 -23.15
CA THR A 46 11.13 -6.89 -21.71
C THR A 46 12.45 -7.03 -20.95
N LYS A 47 13.43 -7.71 -21.53
CA LYS A 47 14.77 -7.71 -20.92
C LYS A 47 15.36 -6.31 -20.92
N ARG A 48 15.29 -5.64 -22.07
CA ARG A 48 15.73 -4.27 -22.21
C ARG A 48 14.98 -3.34 -21.25
N LEU A 49 13.66 -3.48 -21.23
CA LEU A 49 12.82 -2.62 -20.38
C LEU A 49 13.21 -2.77 -18.92
N LYS A 50 13.50 -3.99 -18.50
CA LYS A 50 13.93 -4.18 -17.12
C LYS A 50 15.30 -3.55 -16.85
N GLU A 51 16.26 -3.80 -17.73
CA GLU A 51 17.61 -3.26 -17.54
C GLU A 51 17.59 -1.75 -17.44
N ARG A 52 16.73 -1.10 -18.21
CA ARG A 52 16.67 0.37 -18.14
C ARG A 52 15.51 0.89 -17.30
N CYS A 53 15.01 0.09 -16.37
CA CYS A 53 13.77 0.45 -15.68
C CYS A 53 13.95 1.68 -14.78
N ARG A 54 13.00 2.65 -14.83
CA ARG A 54 13.19 3.85 -14.02
C ARG A 54 12.56 3.64 -12.66
N TRP A 55 13.11 2.73 -11.86
N TRP A 55 13.16 2.76 -11.86
CA TRP A 55 12.56 2.49 -10.51
CA TRP A 55 12.73 2.49 -10.47
C TRP A 55 12.59 3.75 -9.69
C TRP A 55 12.63 3.77 -9.66
N LYS A 56 11.63 3.87 -8.78
CA LYS A 56 11.48 5.06 -7.94
C LYS A 56 11.27 4.64 -6.46
N HIS A 57 12.11 3.71 -6.01
CA HIS A 57 12.00 3.22 -4.65
C HIS A 57 12.27 4.32 -3.63
N ALA A 58 11.55 4.26 -2.51
CA ALA A 58 11.78 5.19 -1.40
C ALA A 58 12.01 4.40 -0.12
N SER A 59 12.95 4.86 0.73
CA SER A 59 13.18 4.28 2.05
C SER A 59 13.55 5.41 2.98
N ALA A 60 13.27 5.24 4.27
CA ALA A 60 13.68 6.17 5.30
C ALA A 60 13.18 7.60 5.05
N GLY A 61 12.11 7.74 4.25
CA GLY A 61 11.54 9.03 3.98
C GLY A 61 12.11 9.71 2.75
N GLU A 62 13.02 9.08 2.02
CA GLU A 62 13.69 9.72 0.87
C GLU A 62 13.62 8.80 -0.34
N PHE A 63 13.87 9.32 -1.55
CA PHE A 63 14.01 8.42 -2.70
C PHE A 63 15.46 7.89 -2.75
N ILE A 64 15.62 6.63 -3.11
CA ILE A 64 16.93 5.99 -3.19
C ILE A 64 17.82 6.71 -4.21
N GLU A 65 17.23 7.13 -5.32
CA GLU A 65 18.03 7.68 -6.44
C GLU A 65 17.91 9.20 -6.57
N LYS A 66 19.02 9.89 -6.80
CA LYS A 66 19.01 11.37 -6.93
C LYS A 66 18.19 11.89 -8.11
N SER A 67 17.96 11.05 -9.11
CA SER A 67 17.32 11.49 -10.33
C SER A 67 15.81 11.61 -10.17
N VAL A 68 15.25 10.95 -9.18
CA VAL A 68 13.80 10.99 -8.97
C VAL A 68 13.40 12.29 -8.26
N THR A 69 12.48 13.07 -8.83
CA THR A 69 12.23 14.39 -8.27
C THR A 69 10.80 14.84 -8.59
N ALA A 70 10.26 15.81 -7.85
CA ALA A 70 8.85 16.14 -8.00
C ALA A 70 8.63 17.00 -9.21
N GLY A 71 7.49 16.80 -9.84
CA GLY A 71 7.02 17.65 -10.93
C GLY A 71 6.18 18.80 -10.36
N ILE A 72 5.95 19.81 -11.19
CA ILE A 72 5.17 20.97 -10.80
C ILE A 72 3.96 21.16 -11.68
N GLU A 73 3.91 20.49 -12.84
CA GLU A 73 2.79 20.76 -13.75
C GLU A 73 1.41 20.54 -13.11
N ARG A 74 1.23 19.43 -12.41
CA ARG A 74 -0.07 19.14 -11.85
C ARG A 74 -0.47 20.24 -10.87
N MET A 75 0.48 20.61 -10.00
CA MET A 75 0.28 21.70 -9.07
C MET A 75 -0.12 22.97 -9.81
N ARG A 76 0.64 23.31 -10.85
CA ARG A 76 0.41 24.54 -11.60
C ARG A 76 -0.96 24.59 -12.24
N TYR A 77 -1.34 23.54 -12.95
CA TYR A 77 -2.59 23.55 -13.70
C TYR A 77 -3.83 23.37 -12.82
N LEU A 78 -3.73 22.58 -11.75
CA LEU A 78 -4.82 22.54 -10.77
C LEU A 78 -5.11 23.91 -10.16
N THR A 79 -4.05 24.66 -9.85
CA THR A 79 -4.18 25.98 -9.27
C THR A 79 -4.84 26.96 -10.24
N GLU A 80 -4.41 26.94 -11.50
CA GLU A 80 -4.95 27.82 -12.52
C GLU A 80 -6.44 27.58 -12.65
N ALA A 81 -6.82 26.31 -12.68
CA ALA A 81 -8.24 25.96 -12.82
C ALA A 81 -9.06 26.38 -11.60
N HIS A 82 -8.48 26.22 -10.42
CA HIS A 82 -9.22 26.52 -9.19
C HIS A 82 -9.52 28.02 -9.12
N LYS A 83 -8.55 28.84 -9.53
CA LYS A 83 -8.77 30.29 -9.51
C LYS A 83 -9.85 30.70 -10.48
N ALA A 84 -9.86 30.05 -11.65
CA ALA A 84 -10.78 30.38 -12.73
C ALA A 84 -12.18 29.89 -12.43
N SER A 85 -12.34 28.89 -11.57
CA SER A 85 -13.65 28.28 -11.39
C SER A 85 -14.38 28.74 -10.13
N GLU A 86 -13.86 29.77 -9.44
CA GLU A 86 -14.54 30.30 -8.24
C GLU A 86 -16.03 30.56 -8.51
N GLY A 87 -16.87 30.23 -7.54
CA GLY A 87 -18.31 30.36 -7.66
C GLY A 87 -19.06 29.16 -8.23
N LYS A 88 -18.41 28.33 -9.05
CA LYS A 88 -19.07 27.17 -9.70
C LYS A 88 -19.29 26.03 -8.68
N PRO A 89 -20.21 25.09 -8.98
CA PRO A 89 -20.44 24.04 -7.99
C PRO A 89 -19.17 23.20 -7.79
N GLU A 90 -18.91 22.72 -6.58
CA GLU A 90 -17.61 22.12 -6.27
C GLU A 90 -17.32 20.90 -7.14
N ALA A 91 -18.36 20.12 -7.47
CA ALA A 91 -18.11 18.91 -8.25
C ALA A 91 -17.62 19.30 -9.63
N ILE A 92 -18.20 20.38 -10.16
CA ILE A 92 -17.80 20.91 -11.46
C ILE A 92 -16.41 21.53 -11.36
N ARG A 93 -16.13 22.26 -10.29
CA ARG A 93 -14.76 22.77 -10.07
C ARG A 93 -13.74 21.65 -10.09
N ARG A 94 -14.07 20.51 -9.49
CA ARG A 94 -13.13 19.40 -9.45
C ARG A 94 -12.92 18.82 -10.85
N ALA A 95 -14.00 18.68 -11.62
CA ALA A 95 -13.87 18.19 -13.00
C ALA A 95 -13.03 19.14 -13.87
N LEU A 96 -13.21 20.43 -13.67
CA LEU A 96 -12.48 21.43 -14.43
C LEU A 96 -11.00 21.38 -14.07
N GLY A 97 -10.69 21.12 -12.80
CA GLY A 97 -9.31 20.98 -12.38
C GLY A 97 -8.64 19.82 -13.10
N LEU A 98 -9.26 18.65 -13.03
CA LEU A 98 -8.70 17.47 -13.71
C LEU A 98 -8.55 17.74 -15.20
N ALA A 99 -9.57 18.37 -15.79
CA ALA A 99 -9.53 18.61 -17.24
C ALA A 99 -8.35 19.51 -17.58
N ASN A 100 -8.14 20.55 -16.80
CA ASN A 100 -7.05 21.45 -17.07
C ASN A 100 -5.72 20.72 -16.95
N VAL A 101 -5.57 19.91 -15.90
CA VAL A 101 -4.35 19.10 -15.77
C VAL A 101 -4.17 18.21 -16.99
N LEU A 102 -5.22 17.50 -17.36
CA LEU A 102 -5.08 16.60 -18.50
C LEU A 102 -4.86 17.36 -19.81
N ASN A 103 -5.55 18.49 -20.02
CA ASN A 103 -5.45 19.22 -21.28
C ASN A 103 -4.05 19.77 -21.47
N LYS A 104 -3.40 20.17 -20.38
CA LYS A 104 -2.15 20.90 -20.52
C LYS A 104 -0.87 20.12 -20.20
N SER A 105 -1.01 18.92 -19.62
CA SER A 105 0.14 18.12 -19.24
C SER A 105 1.05 17.75 -20.38
N THR A 106 2.35 17.88 -20.16
CA THR A 106 3.34 17.24 -21.02
C THR A 106 3.13 15.72 -20.93
N LEU A 107 3.10 15.06 -22.07
CA LEU A 107 2.97 13.60 -22.09
C LEU A 107 4.30 12.95 -22.46
N VAL A 108 4.44 11.68 -22.11
CA VAL A 108 5.71 11.00 -22.20
C VAL A 108 5.57 9.69 -22.98
N LEU A 109 6.52 9.43 -23.86
CA LEU A 109 6.60 8.18 -24.59
C LEU A 109 8.05 7.70 -24.40
N GLN A 110 8.26 6.43 -24.07
CA GLN A 110 9.63 5.95 -23.85
C GLN A 110 9.99 4.89 -24.87
N GLU A 111 11.29 4.71 -25.10
CA GLU A 111 11.66 3.64 -26.03
C GLU A 111 11.28 2.25 -25.49
N ASP A 112 10.95 1.39 -26.46
CA ASP A 112 10.56 -0.01 -26.28
C ASP A 112 9.18 -0.24 -25.65
N GLU A 113 8.56 0.81 -25.10
CA GLU A 113 7.20 0.67 -24.53
C GLU A 113 6.15 0.17 -25.47
N PHE A 114 5.25 -0.67 -24.97
CA PHE A 114 4.02 -0.93 -25.71
C PHE A 114 2.79 -0.35 -24.97
N ILE A 115 2.68 -0.66 -23.68
CA ILE A 115 1.72 0.03 -22.82
C ILE A 115 2.31 1.41 -22.54
N VAL A 116 1.57 2.46 -22.85
CA VAL A 116 2.14 3.80 -22.77
C VAL A 116 1.38 4.67 -21.77
N GLY A 117 2.03 5.71 -21.28
CA GLY A 117 1.34 6.71 -20.48
C GLY A 117 2.13 6.99 -19.22
N TYR A 118 1.85 8.14 -18.60
CA TYR A 118 2.57 8.55 -17.40
C TYR A 118 1.73 9.60 -16.67
N HIS A 119 2.17 10.00 -15.48
CA HIS A 119 1.34 10.84 -14.63
C HIS A 119 2.10 12.08 -14.19
N ALA A 120 3.22 12.36 -14.83
CA ALA A 120 3.91 13.62 -14.57
C ALA A 120 4.70 14.03 -15.83
N GLU A 121 5.40 15.15 -15.80
CA GLU A 121 5.78 15.80 -17.06
C GLU A 121 7.11 15.28 -17.60
N ASP A 122 7.66 14.27 -16.93
CA ASP A 122 8.97 13.76 -17.23
C ASP A 122 9.06 12.38 -16.56
N PRO A 123 9.67 11.41 -17.24
CA PRO A 123 9.71 10.02 -16.74
C PRO A 123 10.48 9.83 -15.43
N ASN A 124 11.28 10.79 -15.01
CA ASN A 124 11.92 10.70 -13.71
C ASN A 124 11.10 11.35 -12.62
N MET A 125 9.92 11.82 -12.97
CA MET A 125 9.17 12.66 -12.01
C MET A 125 7.87 12.04 -11.52
N PHE A 126 7.22 12.74 -10.58
CA PHE A 126 5.94 12.34 -10.04
C PHE A 126 5.20 13.62 -9.63
N PRO A 127 3.86 13.56 -9.58
CA PRO A 127 3.11 14.80 -9.32
C PRO A 127 2.89 15.03 -7.82
N LEU A 128 2.52 16.26 -7.42
CA LEU A 128 2.17 16.56 -6.04
C LEU A 128 0.71 16.99 -5.92
N TYR A 129 0.26 17.15 -4.67
CA TYR A 129 -1.17 17.28 -4.34
C TYR A 129 -1.44 18.39 -3.34
N PRO A 130 -1.35 19.65 -3.79
CA PRO A 130 -1.55 20.73 -2.81
C PRO A 130 -2.97 20.82 -2.25
N GLU A 131 -3.91 20.12 -2.86
CA GLU A 131 -5.30 20.22 -2.41
C GLU A 131 -5.56 19.33 -1.18
N LEU A 132 -4.58 18.47 -0.85
CA LEU A 132 -4.73 17.47 0.20
C LEU A 132 -4.09 17.97 1.50
N SER A 133 -2.77 17.80 1.64
CA SER A 133 -2.04 18.18 2.84
C SER A 133 -1.03 19.29 2.57
N HIS A 134 -1.22 20.47 3.17
CA HIS A 134 -0.25 21.55 2.98
C HIS A 134 1.09 21.21 3.64
N MET A 135 1.05 20.44 4.73
CA MET A 135 2.29 19.99 5.36
C MET A 135 3.12 19.08 4.46
N ALA A 136 2.46 18.16 3.75
CA ALA A 136 3.20 17.24 2.88
C ALA A 136 3.90 18.03 1.78
N VAL A 137 3.23 19.04 1.25
CA VAL A 137 3.86 19.82 0.19
C VAL A 137 5.03 20.60 0.78
N GLN A 138 4.84 21.18 1.97
CA GLN A 138 5.91 21.92 2.60
C GLN A 138 7.13 21.03 2.84
N ASP A 139 6.89 19.78 3.24
CA ASP A 139 7.97 18.84 3.40
C ASP A 139 8.72 18.64 2.07
N TYR A 140 8.00 18.53 0.95
CA TYR A 140 8.65 18.41 -0.38
C TYR A 140 9.49 19.65 -0.72
N LEU A 141 9.00 20.82 -0.33
CA LEU A 141 9.69 22.05 -0.63
C LEU A 141 10.98 22.15 0.14
N ARG A 142 11.04 21.49 1.28
CA ARG A 142 12.24 21.47 2.11
C ARG A 142 13.20 20.32 1.73
N SER A 143 12.87 19.54 0.70
CA SER A 143 13.68 18.38 0.33
C SER A 143 14.57 18.66 -0.88
N ASP A 144 15.50 17.73 -1.14
CA ASP A 144 16.37 17.83 -2.31
C ASP A 144 15.59 17.58 -3.60
N TYR A 145 14.39 17.02 -3.48
CA TYR A 145 13.61 16.68 -4.66
C TYR A 145 12.36 17.59 -4.79
N SER A 146 12.50 18.83 -4.35
CA SER A 146 11.43 19.82 -4.42
C SER A 146 10.96 20.02 -5.85
N PRO A 147 9.66 20.28 -6.03
CA PRO A 147 9.26 20.77 -7.35
C PRO A 147 9.99 22.07 -7.66
N GLN A 148 10.16 22.36 -8.96
CA GLN A 148 10.84 23.58 -9.38
C GLN A 148 10.05 24.29 -10.47
N PRO A 149 10.09 25.63 -10.51
CA PRO A 149 10.81 26.54 -9.62
C PRO A 149 10.24 26.60 -8.21
N ALA A 150 11.10 26.57 -7.20
CA ALA A 150 10.68 26.51 -5.79
C ALA A 150 9.78 27.66 -5.39
N ASP A 151 9.99 28.85 -5.96
CA ASP A 151 9.22 30.02 -5.55
C ASP A 151 7.77 29.90 -5.99
N GLU A 152 7.55 29.44 -7.22
CA GLU A 152 6.20 29.19 -7.71
C GLU A 152 5.50 28.11 -6.88
N ALA A 153 6.21 27.01 -6.63
CA ALA A 153 5.67 25.90 -5.87
C ALA A 153 5.25 26.38 -4.46
N ALA A 154 6.08 27.23 -3.86
CA ALA A 154 5.76 27.78 -2.55
C ALA A 154 4.52 28.65 -2.59
N ALA A 155 4.42 29.48 -3.63
CA ALA A 155 3.23 30.33 -3.80
C ALA A 155 1.99 29.48 -3.99
N ILE A 156 2.13 28.42 -4.77
CA ILE A 156 1.03 27.50 -4.95
C ILE A 156 0.59 26.92 -3.60
N ASN A 157 1.54 26.47 -2.77
CA ASN A 157 1.12 25.82 -1.52
C ASN A 157 0.43 26.83 -0.60
N GLU A 158 0.86 28.08 -0.66
CA GLU A 158 0.24 29.11 0.19
C GLU A 158 -1.17 29.39 -0.32
N TYR A 159 -1.35 29.31 -1.63
CA TYR A 159 -2.69 29.52 -2.19
C TYR A 159 -3.65 28.43 -1.70
N TRP A 160 -3.22 27.17 -1.71
CA TRP A 160 -4.11 26.06 -1.42
C TRP A 160 -4.35 25.89 0.09
N LYS A 161 -3.44 26.37 0.91
CA LYS A 161 -3.49 26.02 2.34
C LYS A 161 -4.89 26.22 2.98
N PRO A 162 -5.53 27.39 2.82
CA PRO A 162 -6.85 27.55 3.44
C PRO A 162 -7.94 26.65 2.84
N HIS A 163 -7.69 26.13 1.63
CA HIS A 163 -8.65 25.28 0.92
C HIS A 163 -8.36 23.78 1.05
N SER A 164 -7.24 23.46 1.67
CA SER A 164 -6.78 22.06 1.67
C SER A 164 -7.68 21.17 2.52
N LEU A 165 -7.73 19.89 2.16
CA LEU A 165 -8.50 18.93 2.95
C LEU A 165 -8.01 18.97 4.41
N GLN A 166 -6.69 19.05 4.59
CA GLN A 166 -6.15 19.16 5.94
C GLN A 166 -6.79 20.36 6.69
N SER A 167 -6.82 21.52 6.06
CA SER A 167 -7.36 22.70 6.74
C SER A 167 -8.87 22.58 6.99
N LYS A 168 -9.61 21.88 6.12
CA LYS A 168 -11.04 21.70 6.36
C LYS A 168 -11.34 20.82 7.57
N CYS A 169 -10.52 19.80 7.82
CA CYS A 169 -10.83 18.80 8.83
C CYS A 169 -10.31 19.09 10.23
N GLN A 170 -9.14 19.72 10.32
CA GLN A 170 -8.54 19.97 11.63
C GLN A 170 -9.42 20.70 12.67
N PRO A 171 -10.28 21.65 12.26
CA PRO A 171 -11.06 22.35 13.29
C PRO A 171 -12.03 21.52 14.09
N TYR A 172 -12.29 20.27 13.71
CA TYR A 172 -13.29 19.48 14.44
C TYR A 172 -12.69 18.57 15.48
N PHE A 173 -11.41 18.79 15.80
CA PHE A 173 -10.68 17.97 16.76
C PHE A 173 -9.89 18.84 17.71
N ASP A 174 -9.76 18.35 18.95
CA ASP A 174 -8.88 18.96 19.94
C ASP A 174 -7.46 19.00 19.42
N PRO A 175 -6.84 20.19 19.43
CA PRO A 175 -5.47 20.33 18.92
C PRO A 175 -4.48 19.36 19.59
N ALA A 176 -4.69 19.10 20.88
CA ALA A 176 -3.83 18.16 21.58
C ALA A 176 -3.98 16.76 20.99
N ASP A 177 -5.21 16.39 20.62
CA ASP A 177 -5.43 15.08 19.99
C ASP A 177 -4.73 14.97 18.61
N LEU A 178 -4.86 16.00 17.79
CA LEU A 178 -4.14 16.00 16.53
C LEU A 178 -2.62 15.92 16.72
N GLY A 179 -2.08 16.70 17.65
CA GLY A 179 -0.65 16.61 17.92
C GLY A 179 -0.22 15.19 18.26
N ARG A 180 -1.02 14.49 19.05
CA ARG A 180 -0.71 13.11 19.40
C ARG A 180 -0.70 12.17 18.18
N MET A 181 -1.73 12.25 17.35
CA MET A 181 -1.78 11.43 16.14
C MET A 181 -0.66 11.74 15.17
N TYR A 182 -0.31 13.02 15.03
CA TYR A 182 0.63 13.45 13.98
C TYR A 182 2.04 12.91 14.26
N GLN A 183 2.27 12.45 15.49
CA GLN A 183 3.57 11.87 15.83
C GLN A 183 3.81 10.48 15.25
N VAL A 184 2.73 9.79 14.91
CA VAL A 184 2.82 8.44 14.34
C VAL A 184 3.63 7.53 15.28
N SER A 185 3.17 7.49 16.54
CA SER A 185 3.78 6.65 17.55
C SER A 185 2.74 5.71 18.12
N SER A 186 1.58 6.25 18.56
CA SER A 186 0.51 5.35 19.01
C SER A 186 -0.63 5.22 18.00
N MET A 187 -0.77 6.23 17.12
CA MET A 187 -1.81 6.26 16.09
C MET A 187 -1.20 6.70 14.79
N GLU A 188 -1.63 6.10 13.68
CA GLU A 188 -1.21 6.64 12.39
C GLU A 188 -1.84 8.02 12.20
N ALA A 189 -1.14 8.96 11.57
CA ALA A 189 -1.75 10.26 11.30
C ALA A 189 -2.98 10.07 10.40
N PRO A 190 -4.02 10.88 10.65
CA PRO A 190 -5.20 10.73 9.81
C PRO A 190 -4.86 11.06 8.38
N SER A 191 -5.55 10.42 7.45
CA SER A 191 -5.33 10.72 6.03
C SER A 191 -5.50 12.19 5.67
N PHE A 192 -6.38 12.94 6.36
CA PHE A 192 -6.53 14.32 5.93
C PHE A 192 -5.23 15.11 6.19
N ALA A 193 -4.33 14.60 7.04
CA ALA A 193 -3.12 15.35 7.38
C ALA A 193 -1.92 14.97 6.52
N SER A 194 -2.00 13.82 5.85
CA SER A 194 -0.88 13.30 5.08
C SER A 194 -1.18 13.24 3.58
N GLY A 195 -2.46 13.14 3.24
CA GLY A 195 -2.86 12.93 1.87
C GLY A 195 -2.84 11.48 1.38
N TYR A 196 -2.48 10.57 2.25
CA TYR A 196 -2.38 9.15 1.84
C TYR A 196 -3.80 8.61 1.68
N ASN A 197 -4.00 7.60 0.85
CA ASN A 197 -5.33 7.22 0.41
C ASN A 197 -5.22 5.91 -0.35
N SER A 198 -6.36 5.33 -0.73
CA SER A 198 -6.41 4.09 -1.51
C SER A 198 -7.74 4.07 -2.27
N ILE A 199 -7.89 3.14 -3.22
CA ILE A 199 -9.12 3.08 -4.02
C ILE A 199 -9.17 1.75 -4.75
N VAL A 200 -10.39 1.29 -4.97
CA VAL A 200 -10.69 0.17 -5.85
C VAL A 200 -11.47 0.67 -7.07
N PRO A 201 -10.78 0.93 -8.18
CA PRO A 201 -11.46 1.45 -9.37
C PRO A 201 -12.38 0.44 -10.01
N PRO A 202 -13.58 0.86 -10.44
CA PRO A 202 -14.45 -0.03 -11.23
C PRO A 202 -13.94 -0.19 -12.68
N TYR A 203 -12.78 -0.83 -12.86
CA TYR A 203 -12.20 -1.08 -14.17
C TYR A 203 -13.17 -1.75 -15.10
N GLU A 204 -13.98 -2.64 -14.56
CA GLU A 204 -14.87 -3.44 -15.39
C GLU A 204 -15.74 -2.52 -16.24
N THR A 205 -16.17 -1.41 -15.68
CA THR A 205 -17.04 -0.49 -16.41
C THR A 205 -16.31 0.15 -17.60
N VAL A 206 -15.08 0.60 -17.38
CA VAL A 206 -14.32 1.23 -18.46
C VAL A 206 -14.08 0.23 -19.60
N LEU A 207 -13.60 -0.97 -19.25
CA LEU A 207 -13.23 -1.95 -20.28
C LEU A 207 -14.43 -2.40 -21.10
N GLU A 208 -15.58 -2.59 -20.48
N GLU A 208 -15.54 -2.65 -20.41
CA GLU A 208 -16.66 -3.13 -21.27
CA GLU A 208 -16.75 -3.14 -21.06
C GLU A 208 -17.69 -2.10 -21.76
C GLU A 208 -17.47 -2.04 -21.86
N ASP A 209 -17.65 -0.87 -21.26
CA ASP A 209 -18.50 0.16 -21.89
C ASP A 209 -17.75 1.22 -22.68
N GLY A 210 -16.53 1.54 -22.25
CA GLY A 210 -15.85 2.70 -22.81
C GLY A 210 -16.47 3.99 -22.26
N LEU A 211 -15.75 5.10 -22.37
CA LEU A 211 -16.14 6.35 -21.74
C LEU A 211 -17.20 7.12 -22.55
N LEU A 212 -17.20 6.93 -23.87
CA LEU A 212 -18.17 7.64 -24.70
C LEU A 212 -19.58 7.26 -24.24
N ALA A 213 -19.80 5.98 -23.95
CA ALA A 213 -21.08 5.53 -23.44
C ALA A 213 -21.44 6.14 -22.09
N ARG A 214 -20.44 6.36 -21.24
CA ARG A 214 -20.72 6.96 -19.91
C ARG A 214 -21.18 8.40 -20.09
N ILE A 215 -20.51 9.12 -21.00
CA ILE A 215 -20.87 10.50 -21.31
C ILE A 215 -22.31 10.61 -21.80
N LYS A 216 -22.65 9.76 -22.77
CA LYS A 216 -23.97 9.77 -23.37
C LYS A 216 -24.98 9.45 -22.28
N LEU A 217 -24.62 8.58 -21.35
CA LEU A 217 -25.51 8.27 -20.24
C LEU A 217 -25.73 9.45 -19.26
N ALA A 218 -24.66 10.14 -18.88
CA ALA A 218 -24.81 11.31 -17.99
C ALA A 218 -25.64 12.40 -18.68
N GLU A 219 -25.39 12.60 -19.98
CA GLU A 219 -26.12 13.61 -20.74
C GLU A 219 -27.60 13.33 -20.75
N LYS A 220 -27.97 12.07 -20.86
CA LYS A 220 -29.37 11.66 -20.81
C LYS A 220 -29.97 11.91 -19.44
N HIS A 221 -29.26 11.53 -18.37
CA HIS A 221 -29.72 11.82 -17.00
C HIS A 221 -29.93 13.32 -16.80
N ILE A 222 -29.03 14.12 -17.31
CA ILE A 222 -29.13 15.55 -17.15
C ILE A 222 -30.41 16.06 -17.83
N ALA A 223 -30.62 15.65 -19.09
CA ALA A 223 -31.81 16.06 -19.86
C ALA A 223 -33.08 15.65 -19.14
N GLU A 224 -33.11 14.43 -18.62
CA GLU A 224 -34.27 13.99 -17.85
C GLU A 224 -34.50 14.80 -16.56
N ALA A 225 -33.42 15.08 -15.85
CA ALA A 225 -33.53 15.87 -14.62
C ALA A 225 -34.02 17.31 -14.92
N GLN A 226 -33.50 17.93 -15.99
CA GLN A 226 -33.96 19.28 -16.35
C GLN A 226 -35.44 19.26 -16.79
N ALA A 227 -35.84 18.21 -17.49
CA ALA A 227 -37.25 18.03 -17.85
C ALA A 227 -38.10 17.89 -16.61
N ASP A 228 -37.61 17.12 -15.64
CA ASP A 228 -38.30 16.91 -14.36
C ASP A 228 -38.56 18.24 -13.65
N MET A 229 -37.59 19.13 -13.72
CA MET A 229 -37.66 20.38 -12.98
C MET A 229 -38.62 21.38 -13.65
N SER A 230 -38.92 21.17 -14.92
CA SER A 230 -39.86 22.08 -15.58
C SER A 230 -41.25 21.47 -15.73
N THR A 231 -41.49 20.32 -15.10
CA THR A 231 -42.80 19.69 -15.22
C THR A 231 -43.84 20.25 -14.22
N PHE A 232 -45.01 20.65 -14.73
CA PHE A 232 -46.10 21.10 -13.86
C PHE A 232 -46.83 19.88 -13.33
N PRO A 233 -47.14 19.84 -12.03
CA PRO A 233 -46.86 20.82 -10.96
C PRO A 233 -45.58 20.53 -10.21
N TRP A 234 -44.78 21.56 -10.03
CA TRP A 234 -43.54 21.45 -9.25
C TRP A 234 -43.81 20.98 -7.81
N ASN A 235 -42.87 20.19 -7.30
CA ASN A 235 -42.88 19.78 -5.89
C ASN A 235 -41.50 20.06 -5.32
N GLY A 236 -41.41 21.11 -4.50
CA GLY A 236 -40.11 21.53 -3.97
C GLY A 236 -39.44 20.62 -2.98
N THR A 237 -40.16 19.63 -2.47
CA THR A 237 -39.53 18.62 -1.59
C THR A 237 -38.85 17.50 -2.39
N LYS A 238 -39.04 17.50 -3.71
CA LYS A 238 -38.45 16.51 -4.59
C LYS A 238 -37.55 17.15 -5.65
N GLY A 239 -38.02 18.24 -6.24
CA GLY A 239 -37.39 18.72 -7.46
C GLY A 239 -36.01 19.29 -7.21
N LEU A 240 -35.75 19.70 -5.98
CA LEU A 240 -34.46 20.29 -5.66
C LEU A 240 -33.37 19.22 -5.62
N ASP A 241 -33.76 17.95 -5.46
CA ASP A 241 -32.76 16.85 -5.49
C ASP A 241 -32.03 16.83 -6.82
N ASN A 242 -32.62 17.43 -7.84
CA ASN A 242 -32.01 17.40 -9.16
C ASN A 242 -30.76 18.28 -9.24
N ILE A 243 -30.65 19.27 -8.34
CA ILE A 243 -29.53 20.19 -8.43
C ILE A 243 -28.18 19.45 -8.24
N ALA A 244 -28.04 18.72 -7.15
CA ALA A 244 -26.78 18.02 -6.89
C ALA A 244 -26.54 16.93 -7.95
N LYS A 245 -27.61 16.28 -8.40
CA LYS A 245 -27.49 15.27 -9.46
C LYS A 245 -26.97 15.86 -10.76
N ILE A 246 -27.62 16.93 -11.21
CA ILE A 246 -27.17 17.62 -12.42
C ILE A 246 -25.71 18.09 -12.29
N ASP A 247 -25.37 18.68 -11.15
CA ASP A 247 -23.98 19.09 -10.91
C ASP A 247 -22.98 17.89 -11.07
N ASN A 248 -23.29 16.76 -10.44
CA ASN A 248 -22.42 15.56 -10.47
C ASN A 248 -22.31 15.02 -11.88
N TRP A 249 -23.45 14.88 -12.56
CA TRP A 249 -23.46 14.41 -13.96
C TRP A 249 -22.71 15.35 -14.90
N LYS A 250 -22.91 16.65 -14.80
CA LYS A 250 -22.14 17.57 -15.66
C LYS A 250 -20.65 17.45 -15.42
N ALA A 251 -20.28 17.29 -14.15
CA ALA A 251 -18.90 17.04 -13.78
C ALA A 251 -18.36 15.73 -14.37
N MET A 252 -19.17 14.67 -14.35
CA MET A 252 -18.74 13.41 -14.95
C MET A 252 -18.42 13.58 -16.43
N VAL A 253 -19.27 14.36 -17.13
CA VAL A 253 -19.08 14.56 -18.57
C VAL A 253 -17.79 15.31 -18.87
N ILE A 254 -17.56 16.40 -18.15
CA ILE A 254 -16.32 17.15 -18.28
C ILE A 254 -15.08 16.27 -18.04
N ALA A 255 -15.16 15.42 -17.03
CA ALA A 255 -14.03 14.56 -16.66
C ALA A 255 -13.77 13.51 -17.69
N CYS A 256 -14.82 12.81 -18.11
CA CYS A 256 -14.67 11.76 -19.11
C CYS A 256 -14.20 12.29 -20.46
N LYS A 257 -14.75 13.42 -20.89
CA LYS A 257 -14.29 14.00 -22.16
C LYS A 257 -12.81 14.36 -22.09
N ALA A 258 -12.38 14.86 -20.93
CA ALA A 258 -10.96 15.23 -20.79
C ALA A 258 -10.05 13.99 -20.83
N VAL A 259 -10.51 12.91 -20.19
CA VAL A 259 -9.73 11.66 -20.18
C VAL A 259 -9.58 11.12 -21.61
N ILE A 260 -10.67 11.10 -22.39
CA ILE A 260 -10.62 10.67 -23.79
C ILE A 260 -9.64 11.53 -24.58
N SER A 261 -9.76 12.83 -24.40
CA SER A 261 -8.90 13.73 -25.13
C SER A 261 -7.41 13.51 -24.81
N TRP A 262 -7.13 13.25 -23.54
CA TRP A 262 -5.78 13.00 -23.08
C TRP A 262 -5.22 11.66 -23.63
N ALA A 263 -6.04 10.62 -23.63
CA ALA A 263 -5.64 9.33 -24.20
C ALA A 263 -5.30 9.49 -25.69
N ARG A 264 -6.15 10.25 -26.37
CA ARG A 264 -5.98 10.40 -27.81
C ARG A 264 -4.76 11.24 -28.11
N ARG A 265 -4.44 12.18 -27.23
CA ARG A 265 -3.24 13.00 -27.39
C ARG A 265 -1.97 12.18 -27.11
N GLN A 266 -2.09 11.22 -26.20
CA GLN A 266 -1.01 10.25 -25.96
C GLN A 266 -0.80 9.45 -27.23
N GLY A 267 -1.90 9.00 -27.81
CA GLY A 267 -1.91 8.30 -29.08
C GLY A 267 -1.23 9.09 -30.19
N ARG A 268 -1.48 10.39 -30.23
CA ARG A 268 -0.95 11.25 -31.28
C ARG A 268 0.57 11.39 -31.15
N LEU A 269 1.08 11.36 -29.92
CA LEU A 269 2.52 11.36 -29.66
C LEU A 269 3.17 10.10 -30.23
N CYS A 270 2.52 8.94 -30.09
CA CYS A 270 3.03 7.72 -30.76
C CYS A 270 3.13 7.90 -32.29
N LYS A 271 2.06 8.43 -32.87
CA LYS A 271 2.01 8.73 -34.29
C LYS A 271 3.11 9.69 -34.73
N ILE A 272 3.22 10.82 -34.04
CA ILE A 272 4.29 11.75 -34.31
C ILE A 272 5.71 11.15 -34.22
N VAL A 273 5.99 10.37 -33.17
CA VAL A 273 7.32 9.72 -33.06
C VAL A 273 7.56 8.72 -34.20
N ALA A 274 6.54 7.94 -34.55
CA ALA A 274 6.63 6.99 -35.64
C ALA A 274 6.96 7.68 -36.97
N GLU A 275 6.38 8.87 -37.17
CA GLU A 275 6.48 9.52 -38.47
C GLU A 275 7.66 10.45 -38.57
N ASN A 276 8.16 10.92 -37.44
CA ASN A 276 9.20 11.97 -37.43
C ASN A 276 10.50 11.67 -36.68
N PHE A 277 10.51 10.66 -35.81
CA PHE A 277 11.66 10.44 -34.97
C PHE A 277 12.22 9.03 -35.07
N GLU A 278 11.32 8.06 -35.16
CA GLU A 278 11.72 6.67 -35.15
C GLU A 278 12.12 6.27 -36.55
N THR A 279 13.32 5.69 -36.68
CA THR A 279 13.88 5.32 -37.98
C THR A 279 13.70 3.84 -38.37
N ASP A 280 13.40 2.97 -37.40
CA ASP A 280 13.19 1.56 -37.68
C ASP A 280 11.74 1.23 -38.02
N PRO A 281 11.49 0.70 -39.24
CA PRO A 281 10.15 0.38 -39.75
C PRO A 281 9.34 -0.59 -38.87
N LYS A 282 10.06 -1.42 -38.13
CA LYS A 282 9.43 -2.36 -37.22
C LYS A 282 8.73 -1.60 -36.06
N ARG A 283 9.51 -0.74 -35.40
CA ARG A 283 9.01 0.08 -34.30
C ARG A 283 7.96 1.10 -34.78
N GLN A 284 8.17 1.66 -35.98
CA GLN A 284 7.20 2.57 -36.59
C GLN A 284 5.83 1.95 -36.70
N ALA A 285 5.78 0.73 -37.21
CA ALA A 285 4.52 0.01 -37.33
C ALA A 285 3.93 -0.22 -35.93
N GLU A 286 4.78 -0.61 -34.99
CA GLU A 286 4.30 -0.84 -33.64
C GLU A 286 3.76 0.44 -33.03
N LEU A 287 4.48 1.53 -33.21
CA LEU A 287 4.02 2.81 -32.66
C LEU A 287 2.64 3.18 -33.25
N LEU A 288 2.42 2.90 -34.55
CA LEU A 288 1.09 3.20 -35.15
C LEU A 288 0.03 2.26 -34.59
N GLU A 289 0.41 1.03 -34.29
CA GLU A 289 -0.53 0.11 -33.66
C GLU A 289 -0.98 0.67 -32.27
N ILE A 290 -0.03 1.18 -31.50
CA ILE A 290 -0.32 1.78 -30.19
C ILE A 290 -1.15 3.04 -30.35
N ALA A 291 -0.78 3.87 -31.33
CA ALA A 291 -1.54 5.09 -31.61
C ALA A 291 -3.01 4.79 -31.90
N ASP A 292 -3.28 3.73 -32.66
CA ASP A 292 -4.66 3.35 -32.96
C ASP A 292 -5.43 2.85 -31.74
N ILE A 293 -4.75 2.08 -30.91
CA ILE A 293 -5.37 1.61 -29.67
C ILE A 293 -5.77 2.80 -28.80
N CYS A 294 -4.86 3.76 -28.66
CA CYS A 294 -5.11 4.96 -27.85
C CYS A 294 -6.22 5.85 -28.42
N GLN A 295 -6.38 5.82 -29.74
CA GLN A 295 -7.47 6.55 -30.38
C GLN A 295 -8.82 5.94 -30.01
N ARG A 296 -8.90 4.62 -29.96
N ARG A 296 -8.89 4.61 -29.99
CA ARG A 296 -10.18 3.96 -29.68
CA ARG A 296 -10.13 3.90 -29.70
C ARG A 296 -10.42 3.75 -28.20
C ARG A 296 -10.42 3.77 -28.21
N ILE A 297 -9.35 3.68 -27.42
CA ILE A 297 -9.44 3.26 -26.02
C ILE A 297 -8.88 4.36 -25.12
N PRO A 298 -9.63 4.78 -24.07
CA PRO A 298 -10.83 4.18 -23.50
C PRO A 298 -12.15 4.79 -23.97
N ALA A 299 -12.18 5.50 -25.11
CA ALA A 299 -13.42 6.07 -25.62
C ALA A 299 -14.47 4.99 -25.87
N GLU A 300 -14.02 3.91 -26.55
CA GLU A 300 -14.89 2.78 -26.92
C GLU A 300 -14.68 1.56 -26.01
N PRO A 301 -15.63 0.60 -26.03
CA PRO A 301 -15.43 -0.71 -25.41
C PRO A 301 -14.14 -1.38 -25.90
N CYS A 302 -13.45 -2.08 -25.02
CA CYS A 302 -12.29 -2.88 -25.41
C CYS A 302 -12.72 -4.10 -26.22
N LYS A 303 -11.92 -4.45 -27.21
CA LYS A 303 -12.22 -5.64 -28.02
C LYS A 303 -11.22 -6.78 -27.83
N GLY A 304 -9.96 -6.46 -27.52
CA GLY A 304 -8.93 -7.49 -27.30
C GLY A 304 -8.07 -7.19 -26.07
N LEU A 305 -7.07 -8.02 -25.82
CA LEU A 305 -6.22 -7.95 -24.64
C LEU A 305 -5.33 -6.69 -24.61
N LYS A 306 -4.84 -6.27 -25.79
CA LYS A 306 -4.02 -5.09 -25.87
C LYS A 306 -4.86 -3.85 -25.52
N ASP A 307 -6.07 -3.81 -26.06
CA ASP A 307 -7.03 -2.77 -25.68
C ASP A 307 -7.18 -2.75 -24.15
N ALA A 308 -7.55 -3.89 -23.57
CA ALA A 308 -7.86 -4.00 -22.15
C ALA A 308 -6.69 -3.54 -21.28
N MET A 309 -5.49 -3.97 -21.64
CA MET A 309 -4.32 -3.63 -20.84
C MET A 309 -4.08 -2.14 -20.86
N GLN A 310 -4.30 -1.52 -22.00
CA GLN A 310 -4.04 -0.09 -22.11
C GLN A 310 -5.18 0.70 -21.45
N ALA A 311 -6.42 0.25 -21.60
CA ALA A 311 -7.56 0.88 -20.91
C ALA A 311 -7.36 0.87 -19.38
N LYS A 312 -6.92 -0.28 -18.88
CA LYS A 312 -6.68 -0.47 -17.44
C LYS A 312 -5.57 0.45 -16.97
N PHE A 313 -4.51 0.57 -17.76
CA PHE A 313 -3.41 1.42 -17.30
C PHE A 313 -3.87 2.88 -17.26
N PHE A 314 -4.56 3.34 -18.30
CA PHE A 314 -5.06 4.72 -18.30
C PHE A 314 -5.97 4.98 -17.11
N THR A 315 -6.87 4.06 -16.83
CA THR A 315 -7.81 4.19 -15.69
C THR A 315 -7.06 4.24 -14.34
N PHE A 316 -6.05 3.38 -14.21
CA PHE A 316 -5.18 3.38 -13.07
C PHE A 316 -4.52 4.75 -12.89
N LEU A 317 -4.00 5.34 -13.99
CA LEU A 317 -3.31 6.64 -13.84
C LEU A 317 -4.28 7.71 -13.35
N ILE A 318 -5.48 7.74 -13.92
CA ILE A 318 -6.44 8.76 -13.46
C ILE A 318 -6.83 8.57 -11.97
N CYS A 319 -7.22 7.34 -11.61
CA CYS A 319 -7.73 7.02 -10.27
C CYS A 319 -6.69 7.02 -9.14
N HIS A 320 -5.45 6.69 -9.47
CA HIS A 320 -4.41 6.53 -8.42
C HIS A 320 -3.38 7.66 -8.38
N ALA A 321 -3.32 8.46 -9.45
CA ALA A 321 -2.29 9.48 -9.52
C ALA A 321 -2.78 10.88 -9.96
N ILE A 322 -3.67 10.96 -10.95
CA ILE A 322 -3.92 12.26 -11.58
C ILE A 322 -5.15 12.94 -10.98
N GLU A 323 -6.27 12.23 -10.92
CA GLU A 323 -7.46 12.88 -10.32
C GLU A 323 -7.21 13.12 -8.82
N ARG A 324 -6.60 12.14 -8.18
CA ARG A 324 -6.29 12.19 -6.77
C ARG A 324 -5.16 11.19 -6.51
N TYR A 325 -4.35 11.39 -5.46
CA TYR A 325 -3.43 10.36 -5.06
C TYR A 325 -4.20 9.22 -4.39
N ALA A 326 -3.89 8.00 -4.80
CA ALA A 326 -4.29 6.81 -4.08
C ALA A 326 -3.23 5.71 -4.22
N SER A 327 -2.79 5.20 -3.10
CA SER A 327 -1.95 4.03 -3.02
C SER A 327 -2.67 2.82 -3.57
N GLY A 328 -1.95 1.74 -3.85
CA GLY A 328 -2.67 0.56 -4.27
C GLY A 328 -2.68 0.28 -5.76
N TYR A 329 -3.19 -0.90 -6.08
CA TYR A 329 -3.39 -1.40 -7.43
C TYR A 329 -4.51 -2.44 -7.44
N ALA A 330 -5.44 -2.26 -6.51
CA ALA A 330 -6.50 -3.24 -6.31
C ALA A 330 -7.31 -3.49 -7.58
N GLN A 331 -7.57 -4.78 -7.82
CA GLN A 331 -8.23 -5.28 -9.01
C GLN A 331 -8.15 -6.81 -8.96
N LYS A 332 -9.08 -7.46 -9.65
CA LYS A 332 -9.11 -8.89 -9.74
C LYS A 332 -8.60 -9.18 -11.14
N GLU A 333 -7.27 -9.26 -11.29
CA GLU A 333 -6.72 -9.08 -12.63
C GLU A 333 -7.03 -10.22 -13.59
N ASP A 334 -7.07 -11.45 -13.08
CA ASP A 334 -7.36 -12.57 -13.99
C ASP A 334 -8.82 -12.53 -14.44
N THR A 335 -9.74 -12.27 -13.52
CA THR A 335 -11.17 -12.23 -13.87
C THR A 335 -11.51 -11.02 -14.74
N LEU A 336 -10.90 -9.88 -14.43
CA LEU A 336 -11.03 -8.68 -15.24
C LEU A 336 -10.56 -8.87 -16.69
N LEU A 337 -9.38 -9.46 -16.87
CA LEU A 337 -8.82 -9.58 -18.21
C LEU A 337 -9.27 -10.82 -18.96
N TRP A 338 -9.85 -11.79 -18.26
CA TRP A 338 -10.22 -13.06 -18.91
C TRP A 338 -11.02 -12.90 -20.23
N PRO A 339 -12.07 -12.06 -20.25
CA PRO A 339 -12.83 -11.96 -21.51
C PRO A 339 -12.00 -11.50 -22.69
N TYR A 340 -10.96 -10.73 -22.40
CA TYR A 340 -10.16 -10.12 -23.46
C TYR A 340 -9.01 -11.07 -23.88
N TYR A 341 -8.44 -11.78 -22.92
CA TYR A 341 -7.50 -12.87 -23.18
C TYR A 341 -8.20 -13.87 -24.09
N LYS A 342 -9.42 -14.21 -23.73
CA LYS A 342 -10.17 -15.20 -24.47
C LYS A 342 -10.36 -14.75 -25.93
N ALA A 343 -10.65 -13.46 -26.12
CA ALA A 343 -10.92 -12.92 -27.44
C ALA A 343 -9.65 -12.88 -28.26
N SER A 344 -8.52 -12.58 -27.61
CA SER A 344 -7.24 -12.41 -28.30
C SER A 344 -6.47 -13.73 -28.50
N VAL A 345 -6.40 -14.51 -27.43
CA VAL A 345 -5.47 -15.62 -27.37
C VAL A 345 -6.19 -16.88 -27.79
N VAL A 346 -7.41 -17.06 -27.29
CA VAL A 346 -8.12 -18.30 -27.53
C VAL A 346 -8.92 -18.27 -28.84
N ASP A 347 -9.78 -17.28 -29.00
CA ASP A 347 -10.64 -17.20 -30.18
C ASP A 347 -9.98 -16.48 -31.32
N LYS A 348 -8.95 -15.69 -31.02
CA LYS A 348 -8.21 -14.94 -32.04
C LYS A 348 -9.09 -13.97 -32.82
N LYS A 349 -10.18 -13.51 -32.21
CA LYS A 349 -11.15 -12.65 -32.89
C LYS A 349 -10.71 -11.21 -33.09
N PHE A 350 -9.88 -10.71 -32.19
CA PHE A 350 -9.36 -9.36 -32.32
C PHE A 350 -8.04 -9.31 -31.58
N GLN A 351 -7.09 -8.57 -32.13
CA GLN A 351 -5.73 -8.54 -31.62
C GLN A 351 -5.23 -9.95 -31.34
N PRO A 352 -5.19 -10.81 -32.38
CA PRO A 352 -4.78 -12.21 -32.14
C PRO A 352 -3.40 -12.29 -31.50
N MET A 353 -3.23 -13.20 -30.55
CA MET A 353 -2.02 -13.28 -29.73
C MET A 353 -1.78 -14.70 -29.23
N SER A 354 -0.52 -15.04 -28.99
CA SER A 354 -0.20 -16.30 -28.33
C SER A 354 -0.25 -16.11 -26.81
N HIS A 355 -0.32 -17.21 -26.07
CA HIS A 355 -0.23 -17.15 -24.62
C HIS A 355 1.06 -16.46 -24.21
N MET A 356 2.16 -16.76 -24.90
CA MET A 356 3.40 -16.10 -24.55
C MET A 356 3.36 -14.60 -24.87
N ASP A 357 2.59 -14.21 -25.88
CA ASP A 357 2.37 -12.77 -26.12
C ASP A 357 1.66 -12.10 -24.93
N ALA A 358 0.67 -12.79 -24.37
CA ALA A 358 -0.01 -12.30 -23.19
C ALA A 358 0.96 -12.17 -21.98
N VAL A 359 1.82 -13.18 -21.79
CA VAL A 359 2.82 -13.16 -20.71
C VAL A 359 3.71 -11.93 -20.88
N GLU A 360 4.09 -11.62 -22.12
CA GLU A 360 4.96 -10.45 -22.37
C GLU A 360 4.25 -9.14 -22.03
N LEU A 361 2.97 -9.09 -22.37
CA LEU A 361 2.19 -7.87 -22.12
C LEU A 361 2.08 -7.66 -20.59
N VAL A 362 1.88 -8.74 -19.84
CA VAL A 362 1.87 -8.61 -18.39
C VAL A 362 3.24 -8.17 -17.83
N GLU A 363 4.33 -8.71 -18.37
CA GLU A 363 5.66 -8.25 -17.97
C GLU A 363 5.79 -6.76 -18.17
N MET A 364 5.31 -6.26 -19.31
CA MET A 364 5.40 -4.82 -19.59
C MET A 364 4.59 -4.00 -18.58
N GLU A 365 3.41 -4.49 -18.24
CA GLU A 365 2.60 -3.86 -17.19
C GLU A 365 3.37 -3.78 -15.86
N ARG A 366 4.01 -4.87 -15.47
CA ARG A 366 4.78 -4.90 -14.22
C ARG A 366 5.91 -3.88 -14.25
N LEU A 367 6.53 -3.72 -15.41
CA LEU A 367 7.60 -2.74 -15.57
C LEU A 367 7.06 -1.27 -15.56
N LYS A 368 5.85 -1.03 -16.09
CA LYS A 368 5.30 0.34 -16.03
C LYS A 368 5.01 0.69 -14.57
N ILE A 369 4.44 -0.27 -13.83
CA ILE A 369 4.12 -0.03 -12.42
C ILE A 369 5.43 0.17 -11.62
N SER A 370 6.47 -0.59 -11.97
CA SER A 370 7.79 -0.43 -11.36
C SER A 370 8.35 0.97 -11.59
N GLU A 371 7.91 1.65 -12.65
CA GLU A 371 8.32 3.04 -12.91
C GLU A 371 7.38 4.10 -12.32
N HIS A 372 6.28 3.68 -11.71
CA HIS A 372 5.31 4.66 -11.20
C HIS A 372 5.77 5.29 -9.88
N GLY A 373 6.37 6.47 -9.94
CA GLY A 373 6.78 7.12 -8.69
C GLY A 373 5.59 7.77 -7.99
N ALA A 374 5.59 7.76 -6.66
CA ALA A 374 4.42 8.21 -5.93
C ALA A 374 4.69 9.49 -5.17
N GLY A 375 3.85 10.48 -5.43
CA GLY A 375 3.96 11.76 -4.73
C GLY A 375 3.31 11.74 -3.35
N LYS A 376 3.74 10.80 -2.52
CA LYS A 376 3.17 10.64 -1.18
C LYS A 376 4.10 11.27 -0.13
N SER A 377 3.56 11.47 1.07
CA SER A 377 4.20 12.32 2.08
C SER A 377 5.34 11.61 2.84
N ARG A 378 6.01 12.33 3.72
CA ARG A 378 7.25 11.81 4.26
C ARG A 378 7.02 10.48 4.97
N ALA A 379 6.01 10.44 5.85
CA ALA A 379 5.64 9.18 6.52
C ALA A 379 5.53 8.00 5.56
N TYR A 380 4.96 8.24 4.37
CA TYR A 380 4.69 7.13 3.44
C TYR A 380 5.87 6.91 2.49
N ARG A 381 6.92 7.70 2.65
CA ARG A 381 8.21 7.37 2.05
C ARG A 381 9.14 6.62 3.06
N GLU A 382 8.69 6.54 4.31
CA GLU A 382 9.35 5.82 5.41
C GLU A 382 8.88 4.38 5.47
N ILE A 383 7.58 4.14 5.29
CA ILE A 383 7.06 2.84 5.75
C ILE A 383 6.86 1.81 4.65
N PHE A 384 7.33 2.08 3.43
CA PHE A 384 7.36 1.01 2.43
C PHE A 384 8.77 0.84 1.87
N PRO A 385 9.77 0.64 2.76
CA PRO A 385 11.17 0.68 2.28
C PRO A 385 11.39 -0.33 1.17
N GLY A 386 12.21 0.04 0.19
CA GLY A 386 12.51 -0.83 -0.92
C GLY A 386 11.47 -0.97 -2.03
N SER A 387 10.44 -0.14 -2.02
CA SER A 387 9.42 -0.14 -3.08
C SER A 387 9.05 1.28 -3.48
N ASN A 388 8.32 1.42 -4.58
CA ASN A 388 7.77 2.71 -4.99
C ASN A 388 6.61 3.11 -4.11
N ASP A 389 5.78 2.12 -3.80
CA ASP A 389 4.48 2.33 -3.15
C ASP A 389 3.90 0.94 -3.00
N LEU A 390 2.73 0.84 -2.39
CA LEU A 390 1.99 -0.43 -2.36
C LEU A 390 1.21 -0.61 -3.64
N PHE A 391 1.41 -1.75 -4.31
CA PHE A 391 0.64 -2.09 -5.52
C PHE A 391 0.26 -3.56 -5.38
N ILE A 392 -0.95 -3.84 -4.92
N ILE A 392 -0.98 -3.82 -4.98
CA ILE A 392 -1.36 -5.23 -4.67
CA ILE A 392 -1.40 -5.18 -4.67
C ILE A 392 -2.58 -5.60 -5.49
C ILE A 392 -2.61 -5.60 -5.50
N LEU A 393 -2.41 -6.58 -6.38
CA LEU A 393 -3.48 -7.08 -7.25
C LEU A 393 -3.85 -8.46 -6.75
N THR A 394 -5.05 -8.92 -7.09
CA THR A 394 -5.59 -10.17 -6.59
C THR A 394 -5.97 -11.10 -7.73
N VAL A 395 -5.69 -12.39 -7.55
CA VAL A 395 -6.08 -13.40 -8.53
C VAL A 395 -6.64 -14.62 -7.81
N GLY A 396 -7.16 -15.58 -8.59
CA GLY A 396 -7.60 -16.86 -8.04
C GLY A 396 -9.01 -16.80 -7.47
N GLY A 397 -9.24 -17.54 -6.39
CA GLY A 397 -10.52 -17.50 -5.71
C GLY A 397 -11.61 -18.27 -6.44
N THR A 398 -12.84 -17.83 -6.24
CA THR A 398 -14.02 -18.52 -6.75
C THR A 398 -14.98 -17.58 -7.49
N ASN A 399 -15.79 -18.16 -8.35
CA ASN A 399 -16.76 -17.34 -9.07
C ASN A 399 -18.09 -17.32 -8.33
N ALA A 400 -19.09 -16.71 -8.96
CA ALA A 400 -20.40 -16.47 -8.37
C ALA A 400 -21.08 -17.75 -7.92
N LYS A 401 -20.77 -18.85 -8.60
CA LYS A 401 -21.31 -20.14 -8.23
C LYS A 401 -20.43 -20.89 -7.24
N GLY A 402 -19.37 -20.25 -6.74
CA GLY A 402 -18.49 -20.96 -5.82
C GLY A 402 -17.53 -21.94 -6.50
N GLU A 403 -17.43 -21.90 -7.83
CA GLU A 403 -16.46 -22.77 -8.52
C GLU A 403 -15.11 -22.07 -8.78
N ASP A 404 -14.11 -22.83 -9.23
CA ASP A 404 -12.75 -22.30 -9.46
C ASP A 404 -12.70 -21.06 -10.37
N ALA A 405 -12.07 -19.98 -9.93
CA ALA A 405 -11.93 -18.80 -10.81
C ALA A 405 -10.60 -18.77 -11.56
N CYS A 406 -9.68 -19.69 -11.24
CA CYS A 406 -8.39 -19.74 -11.93
C CYS A 406 -8.57 -20.06 -13.40
N ASN A 407 -7.69 -19.49 -14.24
CA ASN A 407 -7.73 -19.72 -15.65
C ASN A 407 -6.37 -19.44 -16.27
N ASP A 408 -6.29 -19.52 -17.59
CA ASP A 408 -5.01 -19.34 -18.26
C ASP A 408 -4.50 -17.90 -18.15
N MET A 409 -5.39 -16.94 -17.92
CA MET A 409 -4.93 -15.58 -17.68
C MET A 409 -4.27 -15.51 -16.30
N THR A 410 -4.83 -16.17 -15.28
CA THR A 410 -4.15 -16.25 -14.00
C THR A 410 -2.70 -16.73 -14.20
N ASP A 411 -2.56 -17.79 -15.01
CA ASP A 411 -1.25 -18.44 -15.19
C ASP A 411 -0.30 -17.51 -15.94
N ALA A 412 -0.82 -16.73 -16.89
CA ALA A 412 0.02 -15.76 -17.60
C ALA A 412 0.54 -14.70 -16.64
N ILE A 413 -0.32 -14.28 -15.72
CA ILE A 413 0.06 -13.26 -14.74
C ILE A 413 1.13 -13.83 -13.80
N LEU A 414 0.93 -15.06 -13.34
CA LEU A 414 1.94 -15.66 -12.43
C LEU A 414 3.26 -15.90 -13.18
N GLU A 415 3.21 -16.45 -14.40
CA GLU A 415 4.47 -16.70 -15.13
C GLU A 415 5.25 -15.37 -15.41
N ALA A 416 4.53 -14.32 -15.76
CA ALA A 416 5.17 -13.01 -15.98
C ALA A 416 5.89 -12.52 -14.74
N ALA A 417 5.25 -12.65 -13.56
CA ALA A 417 5.89 -12.31 -12.31
C ALA A 417 7.19 -13.13 -12.07
N LYS A 418 7.11 -14.45 -12.21
CA LYS A 418 8.28 -15.33 -12.02
C LYS A 418 9.41 -14.95 -12.98
N ARG A 419 9.06 -14.63 -14.22
CA ARG A 419 10.08 -14.32 -15.22
C ARG A 419 10.76 -12.97 -15.00
N ILE A 420 9.98 -11.92 -14.75
CA ILE A 420 10.56 -10.58 -14.84
C ILE A 420 11.16 -10.14 -13.52
N ARG A 421 10.73 -10.75 -12.42
CA ARG A 421 11.30 -10.48 -11.09
C ARG A 421 11.36 -8.99 -10.75
N THR A 422 10.17 -8.38 -10.61
CA THR A 422 10.07 -7.02 -10.11
C THR A 422 9.47 -7.11 -8.72
N ALA A 423 9.87 -6.24 -7.81
CA ALA A 423 9.32 -6.32 -6.47
C ALA A 423 7.83 -5.91 -6.46
N GLU A 424 7.45 -5.03 -7.38
CA GLU A 424 6.04 -4.62 -7.52
C GLU A 424 5.55 -4.82 -8.97
N PRO A 425 4.24 -5.04 -9.17
CA PRO A 425 3.20 -5.19 -8.14
C PRO A 425 3.27 -6.53 -7.45
N SER A 426 2.84 -6.53 -6.20
CA SER A 426 2.69 -7.76 -5.43
C SER A 426 1.35 -8.41 -5.79
N ILE A 427 1.21 -9.68 -5.47
CA ILE A 427 0.04 -10.45 -5.82
C ILE A 427 -0.55 -11.12 -4.59
N VAL A 428 -1.88 -11.12 -4.51
CA VAL A 428 -2.60 -11.92 -3.53
C VAL A 428 -3.34 -13.05 -4.23
N PHE A 429 -3.20 -14.27 -3.69
CA PHE A 429 -3.89 -15.42 -4.26
C PHE A 429 -4.99 -15.89 -3.33
N ARG A 430 -6.22 -15.86 -3.82
CA ARG A 430 -7.35 -16.28 -2.98
C ARG A 430 -7.44 -17.78 -3.07
N TYR A 431 -7.16 -18.46 -1.95
CA TYR A 431 -7.07 -19.93 -1.98
C TYR A 431 -8.37 -20.60 -1.53
N SER A 432 -8.78 -21.55 -2.37
CA SER A 432 -9.97 -22.36 -2.15
C SER A 432 -9.54 -23.80 -2.47
N LYS A 433 -10.18 -24.78 -1.86
CA LYS A 433 -9.94 -26.17 -2.25
C LYS A 433 -10.36 -26.41 -3.71
N LYS A 434 -11.14 -25.49 -4.28
CA LYS A 434 -11.56 -25.59 -5.69
C LYS A 434 -10.44 -25.35 -6.70
N ASN A 435 -9.36 -24.70 -6.25
CA ASN A 435 -8.39 -24.12 -7.18
C ASN A 435 -7.58 -25.22 -7.87
N ARG A 436 -7.49 -25.15 -9.20
CA ARG A 436 -6.81 -26.15 -10.02
C ARG A 436 -5.30 -26.24 -9.71
N GLU A 437 -4.77 -27.47 -9.73
CA GLU A 437 -3.38 -27.70 -9.37
C GLU A 437 -2.39 -27.01 -10.32
N LYS A 438 -2.76 -26.96 -11.59
CA LYS A 438 -1.93 -26.33 -12.61
C LYS A 438 -1.59 -24.89 -12.20
N THR A 439 -2.58 -24.20 -11.65
CA THR A 439 -2.38 -22.81 -11.19
C THR A 439 -1.69 -22.71 -9.81
N LEU A 440 -2.02 -23.59 -8.87
CA LEU A 440 -1.22 -23.69 -7.62
C LEU A 440 0.27 -23.84 -7.88
N ARG A 441 0.61 -24.64 -8.89
CA ARG A 441 2.01 -24.87 -9.20
C ARG A 441 2.69 -23.58 -9.64
N TRP A 442 1.98 -22.74 -10.41
CA TRP A 442 2.52 -21.43 -10.77
C TRP A 442 2.64 -20.51 -9.55
N VAL A 443 1.68 -20.56 -8.65
CA VAL A 443 1.77 -19.77 -7.42
C VAL A 443 3.05 -20.17 -6.68
N PHE A 444 3.30 -21.48 -6.61
CA PHE A 444 4.47 -21.97 -5.88
C PHE A 444 5.80 -21.63 -6.58
N GLU A 445 5.78 -21.56 -7.91
CA GLU A 445 6.99 -21.22 -8.69
C GLU A 445 7.44 -19.84 -8.26
N CYS A 446 6.48 -18.93 -8.09
CA CYS A 446 6.83 -17.60 -7.59
C CYS A 446 7.36 -17.64 -6.16
N ILE A 447 6.67 -18.35 -5.30
CA ILE A 447 7.09 -18.37 -3.91
C ILE A 447 8.45 -19.03 -3.73
N ARG A 448 8.67 -20.16 -4.41
CA ARG A 448 9.92 -20.92 -4.18
C ARG A 448 11.13 -20.11 -4.68
N ASP A 449 10.87 -19.18 -5.60
CA ASP A 449 11.88 -18.26 -6.10
C ASP A 449 12.08 -17.04 -5.18
N GLY A 450 11.41 -17.02 -4.03
CA GLY A 450 11.68 -16.00 -3.04
C GLY A 450 11.08 -14.62 -3.29
N LEU A 451 10.17 -14.50 -4.27
CA LEU A 451 9.53 -13.23 -4.60
C LEU A 451 8.72 -12.69 -3.43
N GLY A 452 8.23 -13.56 -2.56
CA GLY A 452 7.43 -13.14 -1.41
C GLY A 452 5.93 -13.14 -1.70
N TYR A 453 5.58 -13.30 -2.96
CA TYR A 453 4.16 -13.32 -3.36
C TYR A 453 4.01 -14.46 -4.41
N PRO A 454 2.78 -14.93 -4.70
CA PRO A 454 1.50 -14.51 -4.09
C PRO A 454 1.47 -14.78 -2.59
N SER A 455 0.97 -13.80 -1.86
CA SER A 455 0.55 -14.08 -0.49
C SER A 455 -0.73 -14.90 -0.64
N ILE A 456 -1.17 -15.55 0.43
CA ILE A 456 -2.32 -16.43 0.32
C ILE A 456 -3.42 -15.94 1.26
N LYS A 457 -4.63 -15.71 0.74
CA LYS A 457 -5.79 -15.35 1.56
C LYS A 457 -6.81 -16.47 1.53
N HIS A 458 -7.50 -16.65 2.65
CA HIS A 458 -8.51 -17.69 2.81
C HIS A 458 -9.76 -17.29 2.04
N ASP A 459 -10.12 -18.04 1.00
CA ASP A 459 -11.18 -17.55 0.12
C ASP A 459 -12.54 -17.45 0.83
N GLU A 460 -12.93 -18.50 1.55
CA GLU A 460 -14.22 -18.55 2.21
C GLU A 460 -14.36 -17.50 3.28
N ILE A 461 -13.30 -17.30 4.07
CA ILE A 461 -13.37 -16.27 5.09
C ILE A 461 -13.69 -14.90 4.47
N GLY A 462 -13.04 -14.58 3.37
CA GLY A 462 -13.22 -13.28 2.75
C GLY A 462 -14.62 -13.15 2.18
N THR A 463 -15.07 -14.22 1.56
CA THR A 463 -16.39 -14.21 0.93
C THR A 463 -17.48 -14.09 2.00
N GLU A 464 -17.35 -14.82 3.10
CA GLU A 464 -18.31 -14.72 4.19
C GLU A 464 -18.37 -13.28 4.72
N GLN A 465 -17.17 -12.73 4.84
CA GLN A 465 -16.98 -11.39 5.34
C GLN A 465 -17.77 -10.37 4.48
N MET A 466 -17.67 -10.52 3.16
CA MET A 466 -18.40 -9.63 2.25
C MET A 466 -19.91 -9.73 2.47
N LYS A 467 -20.38 -10.96 2.71
CA LYS A 467 -21.81 -11.17 2.99
C LYS A 467 -22.22 -10.49 4.29
N GLU A 468 -21.37 -10.60 5.30
CA GLU A 468 -21.70 -10.00 6.60
C GLU A 468 -21.75 -8.46 6.53
N TYR A 469 -20.78 -7.85 5.88
CA TYR A 469 -20.79 -6.40 5.79
C TYR A 469 -21.98 -5.90 4.97
N ALA A 470 -22.38 -6.68 3.96
CA ALA A 470 -23.44 -6.28 3.03
C ALA A 470 -24.74 -5.99 3.75
N LYS A 471 -24.92 -6.67 4.88
CA LYS A 471 -26.14 -6.54 5.68
C LYS A 471 -26.36 -5.16 6.26
N PHE A 472 -25.29 -4.37 6.39
CA PHE A 472 -25.36 -3.03 7.00
C PHE A 472 -25.54 -1.93 5.96
N SER A 473 -25.67 -2.32 4.69
CA SER A 473 -25.76 -1.33 3.63
C SER A 473 -26.85 -0.29 3.90
N LEU A 474 -26.51 0.99 3.75
CA LEU A 474 -27.45 2.05 4.13
C LEU A 474 -28.61 2.20 3.13
N ASN A 475 -28.43 1.72 1.91
CA ASN A 475 -29.54 1.75 0.95
C ASN A 475 -29.96 0.35 0.55
N GLY A 476 -29.68 -0.61 1.43
CA GLY A 476 -30.03 -2.01 1.21
C GLY A 476 -29.54 -2.57 -0.12
N ASN A 477 -28.42 -2.04 -0.61
CA ASN A 477 -27.85 -2.56 -1.85
C ASN A 477 -26.40 -3.02 -1.67
N GLY A 478 -26.11 -3.71 -0.58
CA GLY A 478 -24.80 -4.31 -0.38
C GLY A 478 -24.60 -5.46 -1.36
N ALA A 479 -23.44 -6.10 -1.30
CA ALA A 479 -23.14 -7.22 -2.19
C ALA A 479 -24.21 -8.30 -2.09
N THR A 480 -24.71 -8.78 -3.23
CA THR A 480 -25.52 -9.98 -3.21
C THR A 480 -24.64 -11.19 -2.83
N ASP A 481 -25.25 -12.32 -2.49
CA ASP A 481 -24.48 -13.51 -2.17
C ASP A 481 -23.53 -13.93 -3.29
N GLU A 482 -23.96 -13.78 -4.53
CA GLU A 482 -23.09 -14.08 -5.67
C GLU A 482 -21.97 -13.03 -5.79
N GLU A 483 -22.33 -11.76 -5.66
CA GLU A 483 -21.35 -10.66 -5.68
C GLU A 483 -20.27 -10.77 -4.59
N ALA A 484 -20.63 -11.37 -3.47
CA ALA A 484 -19.71 -11.53 -2.34
C ALA A 484 -18.46 -12.39 -2.70
N HIS A 485 -18.56 -13.20 -3.75
CA HIS A 485 -17.39 -13.91 -4.28
C HIS A 485 -16.44 -12.99 -5.07
N ASN A 486 -16.93 -11.80 -5.43
CA ASN A 486 -16.14 -10.85 -6.21
C ASN A 486 -15.35 -9.91 -5.32
N TRP A 487 -14.23 -10.40 -4.77
CA TRP A 487 -13.45 -9.54 -3.88
C TRP A 487 -11.95 -9.59 -4.12
N VAL A 488 -11.29 -8.52 -3.67
CA VAL A 488 -9.86 -8.30 -3.87
C VAL A 488 -9.36 -7.70 -2.54
N ASN A 489 -8.04 -7.71 -2.32
CA ASN A 489 -7.51 -6.96 -1.20
C ASN A 489 -7.43 -5.52 -1.63
N VAL A 490 -7.80 -4.58 -0.76
CA VAL A 490 -7.81 -3.16 -1.11
C VAL A 490 -6.37 -2.59 -1.18
N LEU A 491 -5.64 -2.69 -0.07
CA LEU A 491 -4.17 -2.58 -0.11
C LEU A 491 -3.59 -3.95 0.24
N CYS A 492 -2.72 -4.04 1.25
CA CYS A 492 -2.07 -5.32 1.50
C CYS A 492 -3.00 -6.47 1.88
N MET A 493 -4.06 -6.20 2.66
CA MET A 493 -4.60 -7.28 3.46
C MET A 493 -6.13 -7.39 3.53
N SER A 494 -6.83 -6.28 3.35
CA SER A 494 -8.26 -6.28 3.67
C SER A 494 -9.13 -6.51 2.44
N PRO A 495 -10.02 -7.50 2.51
CA PRO A 495 -10.94 -7.75 1.38
C PRO A 495 -11.85 -6.58 1.05
N GLY A 496 -12.20 -6.41 -0.22
CA GLY A 496 -13.21 -5.43 -0.62
C GLY A 496 -13.84 -5.91 -1.92
N ILE A 497 -15.08 -5.50 -2.20
CA ILE A 497 -15.73 -5.87 -3.48
C ILE A 497 -14.98 -5.28 -4.70
N HIS A 498 -14.86 -6.05 -5.79
CA HIS A 498 -14.51 -5.46 -7.10
C HIS A 498 -15.67 -5.58 -8.08
N GLY A 499 -15.68 -4.72 -9.09
CA GLY A 499 -16.66 -4.82 -10.16
C GLY A 499 -17.06 -3.44 -10.62
N ARG A 500 -18.25 -3.36 -11.19
CA ARG A 500 -18.75 -2.15 -11.88
C ARG A 500 -19.40 -1.22 -10.86
N ARG A 501 -19.59 -1.74 -9.66
CA ARG A 501 -20.42 -1.09 -8.65
C ARG A 501 -20.01 -1.59 -7.25
N LYS A 502 -20.26 -0.76 -6.23
CA LYS A 502 -20.08 -1.09 -4.82
C LYS A 502 -18.62 -1.22 -4.37
N THR A 503 -17.67 -0.74 -5.17
CA THR A 503 -16.27 -0.83 -4.72
C THR A 503 -15.93 0.30 -3.73
N GLN A 504 -14.92 0.06 -2.91
CA GLN A 504 -14.44 1.03 -1.95
C GLN A 504 -13.70 2.17 -2.67
N LYS A 505 -14.12 3.40 -2.38
CA LYS A 505 -13.65 4.55 -3.16
C LYS A 505 -12.55 5.38 -2.49
N THR A 506 -12.35 5.16 -1.19
CA THR A 506 -11.47 6.00 -0.41
C THR A 506 -10.93 5.26 0.82
N ARG A 507 -9.74 5.64 1.25
CA ARG A 507 -9.21 5.02 2.45
C ARG A 507 -10.01 5.48 3.71
N SER A 508 -10.78 6.55 3.56
CA SER A 508 -11.64 6.96 4.69
C SER A 508 -12.66 5.89 5.09
N GLU A 509 -13.05 5.05 4.14
CA GLU A 509 -13.92 3.91 4.47
C GLU A 509 -13.23 2.87 5.39
N GLY A 510 -11.96 2.61 5.15
CA GLY A 510 -11.27 1.56 5.87
C GLY A 510 -9.80 1.59 5.52
N GLY A 511 -8.94 1.48 6.53
CA GLY A 511 -7.50 1.61 6.35
C GLY A 511 -7.01 2.59 7.40
N GLY A 512 -5.69 2.74 7.56
CA GLY A 512 -5.16 3.55 8.65
C GLY A 512 -4.86 2.64 9.82
N SER A 513 -3.89 3.05 10.65
CA SER A 513 -3.35 2.10 11.63
C SER A 513 -3.37 2.61 13.05
N ILE A 514 -3.19 1.69 13.98
CA ILE A 514 -3.10 2.00 15.42
C ILE A 514 -2.05 1.06 16.03
N PHE A 515 -1.34 1.52 17.08
CA PHE A 515 -0.08 0.85 17.49
C PHE A 515 -0.07 0.37 18.95
N PRO A 516 -0.56 -0.83 19.20
CA PRO A 516 -0.62 -1.38 20.56
C PRO A 516 0.69 -1.29 21.37
N ALA A 517 1.85 -1.48 20.74
CA ALA A 517 3.08 -1.49 21.54
C ALA A 517 3.26 -0.15 22.27
N LYS A 518 2.98 0.95 21.58
CA LYS A 518 3.16 2.29 22.16
C LYS A 518 2.07 2.52 23.19
N LEU A 519 0.86 2.10 22.86
CA LEU A 519 -0.24 2.19 23.81
C LEU A 519 0.06 1.44 25.10
N LEU A 520 0.64 0.24 24.98
CA LEU A 520 1.11 -0.49 26.16
C LEU A 520 2.19 0.31 26.94
N GLU A 521 3.22 0.77 26.24
CA GLU A 521 4.25 1.55 26.93
C GLU A 521 3.65 2.70 27.75
N ILE A 522 2.75 3.50 27.16
CA ILE A 522 2.23 4.65 27.94
C ILE A 522 1.19 4.23 28.98
N SER A 523 0.60 3.04 28.81
CA SER A 523 -0.25 2.44 29.85
C SER A 523 0.46 2.29 31.19
N LEU A 524 1.77 2.07 31.14
CA LEU A 524 2.61 1.87 32.33
C LEU A 524 3.21 3.17 32.83
N ASN A 525 2.76 4.29 32.27
CA ASN A 525 3.25 5.59 32.66
C ASN A 525 2.14 6.63 32.69
N ASP A 526 0.92 6.18 33.00
CA ASP A 526 -0.26 7.08 33.15
C ASP A 526 -0.51 7.90 31.88
N GLY A 527 -0.31 7.29 30.71
CA GLY A 527 -0.57 7.94 29.44
C GLY A 527 0.52 8.86 28.94
N TYR A 528 1.63 8.91 29.68
CA TYR A 528 2.71 9.84 29.35
C TYR A 528 3.82 9.13 28.55
N ASP A 529 4.20 9.72 27.41
CA ASP A 529 5.28 9.18 26.58
C ASP A 529 6.57 9.83 27.00
N TRP A 530 7.34 9.15 27.86
CA TRP A 530 8.58 9.74 28.36
C TRP A 530 9.72 9.50 27.38
N SER A 531 9.57 8.46 26.56
CA SER A 531 10.71 7.93 25.80
C SER A 531 10.90 8.54 24.41
N TYR A 532 9.81 8.87 23.71
CA TYR A 532 9.95 9.46 22.38
C TYR A 532 9.65 10.94 22.43
N ALA A 533 8.41 11.31 22.70
CA ALA A 533 8.05 12.71 22.54
C ALA A 533 8.15 13.55 23.84
N ASP A 534 8.27 12.90 24.99
CA ASP A 534 8.28 13.63 26.29
C ASP A 534 7.03 14.49 26.43
N MET A 535 5.87 13.85 26.39
CA MET A 535 4.60 14.56 26.52
C MET A 535 3.46 13.56 26.76
N GLN A 536 2.32 14.09 27.18
CA GLN A 536 1.13 13.30 27.41
C GLN A 536 0.64 12.82 26.04
N LEU A 537 0.48 11.51 25.89
CA LEU A 537 0.17 10.94 24.58
C LEU A 537 -1.22 10.31 24.59
N GLY A 538 -1.70 9.92 25.77
CA GLY A 538 -3.02 9.32 25.88
C GLY A 538 -3.73 9.87 27.13
N PRO A 539 -4.89 9.30 27.48
CA PRO A 539 -5.57 9.69 28.72
C PRO A 539 -4.77 9.28 29.99
N LYS A 540 -4.98 9.99 31.10
CA LYS A 540 -4.35 9.63 32.36
C LYS A 540 -5.10 8.48 32.98
N THR A 541 -4.69 7.27 32.63
CA THR A 541 -5.43 6.06 33.00
C THR A 541 -5.01 5.45 34.34
N GLY A 542 -4.04 6.06 35.01
CA GLY A 542 -3.69 5.65 36.37
C GLY A 542 -2.19 5.51 36.48
N ASP A 543 -1.64 6.03 37.58
CA ASP A 543 -0.21 5.90 37.81
C ASP A 543 0.14 4.46 38.20
N LEU A 544 1.43 4.19 38.25
CA LEU A 544 1.94 2.88 38.56
C LEU A 544 1.37 2.28 39.87
N SER A 545 1.24 3.09 40.91
CA SER A 545 0.78 2.54 42.18
C SER A 545 -0.69 2.11 42.11
N SER A 546 -1.45 2.73 41.20
CA SER A 546 -2.86 2.39 41.08
C SER A 546 -3.06 1.07 40.34
N LEU A 547 -1.99 0.56 39.72
CA LEU A 547 -2.07 -0.68 38.95
C LEU A 547 -1.72 -1.83 39.85
N LYS A 548 -2.69 -2.25 40.65
CA LYS A 548 -2.40 -3.13 41.77
C LYS A 548 -2.58 -4.56 41.39
N SER A 549 -3.22 -4.80 40.23
CA SER A 549 -3.38 -6.15 39.72
C SER A 549 -3.19 -6.19 38.22
N PHE A 550 -3.08 -7.39 37.66
CA PHE A 550 -2.96 -7.54 36.23
C PHE A 550 -4.20 -7.01 35.49
N GLU A 551 -5.36 -7.22 36.10
CA GLU A 551 -6.60 -6.67 35.58
C GLU A 551 -6.54 -5.16 35.50
N ASP A 552 -5.87 -4.50 36.46
CA ASP A 552 -5.71 -3.04 36.36
C ASP A 552 -4.85 -2.66 35.15
N VAL A 553 -3.79 -3.41 34.90
CA VAL A 553 -2.96 -3.16 33.73
C VAL A 553 -3.76 -3.37 32.43
N TRP A 554 -4.52 -4.46 32.39
CA TRP A 554 -5.38 -4.76 31.24
C TRP A 554 -6.35 -3.64 30.95
N GLU A 555 -6.99 -3.13 32.01
CA GLU A 555 -7.97 -2.06 31.84
C GLU A 555 -7.34 -0.74 31.42
N ALA A 556 -6.16 -0.42 31.95
CA ALA A 556 -5.44 0.76 31.49
C ALA A 556 -5.15 0.67 29.99
N PHE A 557 -4.71 -0.50 29.53
CA PHE A 557 -4.46 -0.64 28.11
C PHE A 557 -5.80 -0.45 27.36
N ARG A 558 -6.85 -1.10 27.83
CA ARG A 558 -8.17 -0.97 27.22
C ARG A 558 -8.55 0.49 27.00
N LYS A 559 -8.38 1.31 28.04
CA LYS A 559 -8.77 2.71 27.94
C LYS A 559 -7.90 3.49 26.96
N GLN A 560 -6.60 3.22 26.96
CA GLN A 560 -5.66 3.83 26.01
C GLN A 560 -6.12 3.50 24.57
N TYR A 561 -6.52 2.26 24.37
CA TYR A 561 -6.91 1.72 23.07
C TYR A 561 -8.23 2.33 22.64
N GLN A 562 -9.16 2.46 23.58
CA GLN A 562 -10.47 3.05 23.27
C GLN A 562 -10.31 4.51 22.87
N TYR A 563 -9.52 5.26 23.62
CA TYR A 563 -9.27 6.66 23.29
C TYR A 563 -8.66 6.78 21.89
N ALA A 564 -7.66 5.94 21.61
CA ALA A 564 -6.95 6.01 20.34
C ALA A 564 -7.83 5.59 19.16
N ILE A 565 -8.51 4.46 19.29
CA ILE A 565 -9.29 3.96 18.14
C ILE A 565 -10.47 4.89 17.84
N ASN A 566 -11.02 5.58 18.85
CA ASN A 566 -12.10 6.51 18.58
C ASN A 566 -11.62 7.66 17.69
N LEU A 567 -10.43 8.21 17.95
CA LEU A 567 -9.86 9.26 17.13
C LEU A 567 -9.55 8.76 15.73
N CYS A 568 -9.00 7.56 15.66
CA CYS A 568 -8.67 6.93 14.39
C CYS A 568 -9.87 6.84 13.46
N ILE A 569 -11.03 6.44 13.97
CA ILE A 569 -12.17 6.29 13.07
C ILE A 569 -12.86 7.64 12.86
N SER A 570 -12.96 8.45 13.93
CA SER A 570 -13.71 9.70 13.76
C SER A 570 -12.98 10.62 12.78
N THR A 571 -11.64 10.62 12.78
CA THR A 571 -10.90 11.44 11.82
C THR A 571 -11.07 10.98 10.38
N LYS A 572 -11.24 9.68 10.19
CA LYS A 572 -11.56 9.16 8.86
C LYS A 572 -12.97 9.56 8.41
N ASP A 573 -13.95 9.50 9.30
CA ASP A 573 -15.31 9.87 8.93
C ASP A 573 -15.44 11.37 8.68
N VAL A 574 -14.68 12.19 9.37
CA VAL A 574 -14.75 13.63 9.10
C VAL A 574 -14.12 13.89 7.73
N SER A 575 -13.04 13.18 7.45
CA SER A 575 -12.40 13.35 6.16
C SER A 575 -13.41 12.99 5.05
N ARG A 576 -14.14 11.90 5.23
CA ARG A 576 -15.18 11.47 4.28
C ARG A 576 -16.22 12.56 4.00
N TYR A 577 -16.66 13.19 5.08
CA TYR A 577 -17.63 14.27 5.03
C TYR A 577 -17.15 15.39 4.09
N PHE A 578 -15.88 15.78 4.24
CA PHE A 578 -15.35 16.84 3.38
C PHE A 578 -14.86 16.39 2.00
N GLU A 579 -14.37 15.16 1.87
CA GLU A 579 -13.96 14.67 0.55
C GLU A 579 -15.11 14.76 -0.44
N GLN A 580 -16.30 14.32 -0.02
CA GLN A 580 -17.44 14.29 -0.93
C GLN A 580 -17.98 15.69 -1.20
N ARG A 581 -17.58 16.64 -0.36
CA ARG A 581 -18.07 18.01 -0.51
C ARG A 581 -17.10 18.92 -1.26
N PHE A 582 -15.80 18.63 -1.21
CA PHE A 582 -14.80 19.52 -1.82
C PHE A 582 -13.72 18.78 -2.63
N LEU A 583 -13.65 17.46 -2.46
CA LEU A 583 -12.71 16.65 -3.23
C LEU A 583 -13.42 15.62 -4.08
N GLN A 584 -14.52 16.02 -4.71
CA GLN A 584 -15.30 15.14 -5.55
C GLN A 584 -14.39 14.44 -6.56
N MET A 585 -14.73 13.20 -6.92
CA MET A 585 -14.01 12.49 -7.97
C MET A 585 -14.95 12.12 -9.10
N PRO A 586 -15.27 13.09 -9.97
CA PRO A 586 -16.26 12.87 -11.05
C PRO A 586 -15.81 11.81 -12.05
N PHE A 587 -14.52 11.63 -12.29
CA PHE A 587 -14.16 10.51 -13.17
C PHE A 587 -14.50 9.18 -12.52
N VAL A 588 -14.11 9.00 -11.25
CA VAL A 588 -14.45 7.74 -10.58
C VAL A 588 -15.98 7.54 -10.48
N SER A 589 -16.71 8.62 -10.22
CA SER A 589 -18.17 8.56 -10.15
C SER A 589 -18.76 8.09 -11.48
N ALA A 590 -18.21 8.58 -12.58
CA ALA A 590 -18.78 8.28 -13.89
C ALA A 590 -18.67 6.79 -14.26
N ILE A 591 -17.65 6.11 -13.72
CA ILE A 591 -17.45 4.69 -14.04
C ILE A 591 -17.98 3.75 -12.95
N ASP A 592 -18.63 4.31 -11.93
CA ASP A 592 -19.36 3.50 -10.95
C ASP A 592 -20.82 3.48 -11.36
N ASP A 593 -21.38 2.30 -11.55
CA ASP A 593 -22.77 2.22 -12.00
C ASP A 593 -23.77 2.86 -11.01
N GLY A 594 -23.46 2.77 -9.70
CA GLY A 594 -24.37 3.29 -8.70
C GLY A 594 -24.34 4.82 -8.68
N CYS A 595 -23.12 5.36 -8.68
CA CYS A 595 -22.93 6.81 -8.76
C CYS A 595 -23.60 7.40 -9.98
N MET A 596 -23.36 6.76 -11.13
CA MET A 596 -23.98 7.23 -12.37
C MET A 596 -25.51 7.19 -12.27
N GLU A 597 -26.04 6.09 -11.76
CA GLU A 597 -27.48 5.91 -11.69
C GLU A 597 -28.14 6.94 -10.75
N LEU A 598 -27.50 7.21 -9.61
CA LEU A 598 -28.06 8.05 -8.57
C LEU A 598 -27.60 9.50 -8.63
N GLY A 599 -26.72 9.84 -9.56
CA GLY A 599 -26.23 11.21 -9.65
C GLY A 599 -25.49 11.63 -8.39
N MET A 600 -24.68 10.72 -7.85
CA MET A 600 -23.93 10.95 -6.60
C MET A 600 -22.43 10.89 -6.76
N ASP A 601 -21.71 11.62 -5.91
CA ASP A 601 -20.25 11.54 -5.95
C ASP A 601 -19.78 10.20 -5.38
N ALA A 602 -18.65 9.71 -5.90
CA ALA A 602 -18.04 8.46 -5.44
C ALA A 602 -17.79 8.39 -3.92
N CYS A 603 -17.51 9.52 -3.26
CA CYS A 603 -17.29 9.46 -1.81
C CYS A 603 -18.55 9.58 -1.00
N ALA A 604 -19.63 10.03 -1.63
CA ALA A 604 -20.89 10.24 -0.93
C ALA A 604 -21.65 8.93 -0.85
N LEU A 605 -21.76 8.26 -2.00
CA LEU A 605 -22.48 7.00 -2.10
C LEU A 605 -21.65 5.86 -1.50
N SER A 606 -22.25 5.10 -0.61
CA SER A 606 -21.51 3.98 -0.03
C SER A 606 -22.43 2.81 0.07
N GLU A 607 -22.45 1.94 -0.94
CA GLU A 607 -23.42 0.86 -0.95
C GLU A 607 -22.94 -0.39 -0.19
N GLN A 608 -21.64 -0.62 -0.17
CA GLN A 608 -21.08 -1.77 0.57
C GLN A 608 -20.13 -1.29 1.66
N PRO A 609 -20.56 -1.36 2.94
CA PRO A 609 -19.69 -0.98 4.06
C PRO A 609 -18.47 -1.89 4.09
N ASN A 610 -17.34 -1.38 4.58
CA ASN A 610 -16.11 -2.17 4.63
C ASN A 610 -15.15 -1.61 5.67
N GLY A 611 -15.69 -1.18 6.81
CA GLY A 611 -14.89 -0.49 7.82
C GLY A 611 -13.80 -1.35 8.42
N TRP A 612 -12.57 -0.82 8.44
CA TRP A 612 -11.48 -1.48 9.18
C TRP A 612 -10.41 -0.52 9.62
N HIS A 613 -9.63 -0.94 10.61
CA HIS A 613 -8.45 -0.21 10.98
C HIS A 613 -7.35 -1.25 11.26
N ASN A 614 -6.09 -0.81 11.13
CA ASN A 614 -4.94 -1.77 11.18
C ASN A 614 -4.20 -1.76 12.52
N PRO A 615 -4.34 -2.80 13.35
CA PRO A 615 -3.43 -2.89 14.50
C PRO A 615 -2.05 -3.31 14.02
N ILE A 616 -1.05 -2.52 14.34
CA ILE A 616 0.32 -2.83 13.99
C ILE A 616 1.14 -2.74 15.29
N THR A 617 2.06 -3.68 15.50
CA THR A 617 2.85 -3.86 16.75
C THR A 617 2.02 -4.53 17.84
N THR A 618 1.02 -5.28 17.42
CA THR A 618 0.16 -5.98 18.35
C THR A 618 0.92 -7.02 19.21
N ILE A 619 1.76 -7.85 18.59
CA ILE A 619 2.39 -8.96 19.33
C ILE A 619 3.44 -8.45 20.33
N VAL A 620 4.11 -7.32 20.05
CA VAL A 620 4.92 -6.71 21.14
C VAL A 620 4.06 -6.41 22.35
N ALA A 621 2.91 -5.73 22.15
CA ALA A 621 2.02 -5.47 23.28
C ALA A 621 1.60 -6.75 23.98
N ALA A 622 1.20 -7.74 23.18
CA ALA A 622 0.69 -9.00 23.72
C ALA A 622 1.75 -9.79 24.50
N ASN A 623 2.94 -9.90 23.95
CA ASN A 623 4.03 -10.58 24.68
C ASN A 623 4.39 -9.81 25.92
N SER A 624 4.28 -8.49 25.87
CA SER A 624 4.59 -7.68 27.03
C SER A 624 3.61 -7.97 28.15
N LEU A 625 2.33 -8.07 27.80
CA LEU A 625 1.30 -8.34 28.79
C LEU A 625 1.46 -9.73 29.39
N VAL A 626 1.79 -10.71 28.56
CA VAL A 626 2.02 -12.05 29.08
C VAL A 626 3.15 -12.07 30.14
N ALA A 627 4.23 -11.35 29.88
CA ALA A 627 5.40 -11.35 30.75
C ALA A 627 5.11 -10.59 32.04
N ILE A 628 4.35 -9.51 31.90
CA ILE A 628 3.94 -8.78 33.06
C ILE A 628 3.14 -9.69 34.00
N LYS A 629 2.19 -10.45 33.43
CA LYS A 629 1.34 -11.30 34.25
C LYS A 629 2.14 -12.33 35.00
N LYS A 630 3.02 -13.03 34.27
CA LYS A 630 3.78 -14.14 34.85
C LYS A 630 4.79 -13.69 35.91
N LEU A 631 5.55 -12.64 35.61
CA LEU A 631 6.67 -12.24 36.48
C LEU A 631 6.31 -11.20 37.52
N VAL A 632 5.40 -10.30 37.22
CA VAL A 632 5.05 -9.30 38.19
C VAL A 632 3.90 -9.77 39.06
N PHE A 633 2.88 -10.42 38.49
CA PHE A 633 1.70 -10.64 39.31
C PHE A 633 1.51 -12.08 39.74
N GLU A 634 1.87 -13.02 38.91
CA GLU A 634 1.69 -14.41 39.30
C GLU A 634 2.85 -14.87 40.21
N GLU A 635 4.08 -14.71 39.75
CA GLU A 635 5.26 -15.11 40.53
C GLU A 635 5.77 -14.06 41.44
N LYS A 636 5.37 -12.82 41.20
CA LYS A 636 5.80 -11.70 42.06
C LYS A 636 7.31 -11.67 42.20
N LYS A 637 8.02 -12.01 41.14
CA LYS A 637 9.46 -11.94 41.14
C LYS A 637 9.95 -10.49 41.10
N TYR A 638 9.21 -9.63 40.38
CA TYR A 638 9.53 -8.20 40.35
C TYR A 638 8.30 -7.33 40.63
N THR A 639 8.45 -6.17 41.30
CA THR A 639 7.31 -5.25 41.38
C THR A 639 7.23 -4.39 40.11
N LEU A 640 6.10 -3.71 39.91
CA LEU A 640 5.93 -2.92 38.71
C LEU A 640 6.88 -1.74 38.77
N GLU A 641 7.15 -1.29 39.99
CA GLU A 641 8.11 -0.20 40.20
C GLU A 641 9.52 -0.63 39.78
N GLN A 642 9.83 -1.91 39.99
CA GLN A 642 11.12 -2.47 39.61
C GLN A 642 11.24 -2.59 38.08
N LEU A 643 10.21 -3.14 37.46
CA LEU A 643 10.08 -3.13 35.98
C LEU A 643 10.21 -1.73 35.43
N SER A 644 9.43 -0.81 35.97
CA SER A 644 9.41 0.55 35.43
C SER A 644 10.73 1.26 35.57
N GLN A 645 11.42 1.01 36.68
CA GLN A 645 12.75 1.57 36.87
C GLN A 645 13.73 1.00 35.83
N ALA A 646 13.65 -0.32 35.61
CA ALA A 646 14.44 -1.00 34.58
C ALA A 646 14.15 -0.43 33.19
N LEU A 647 12.86 -0.24 32.88
CA LEU A 647 12.50 0.25 31.56
C LEU A 647 13.08 1.64 31.41
N LYS A 648 12.95 2.46 32.45
CA LYS A 648 13.41 3.83 32.32
C LYS A 648 14.93 3.89 32.16
N ALA A 649 15.60 2.80 32.53
CA ALA A 649 17.06 2.66 32.35
C ALA A 649 17.46 2.05 31.00
N ASN A 650 16.48 1.79 30.14
CA ASN A 650 16.74 0.97 28.93
C ASN A 650 17.44 -0.35 29.30
N TRP A 651 17.04 -0.88 30.46
CA TRP A 651 17.51 -2.15 31.04
C TRP A 651 18.98 -2.12 31.46
N GLU A 652 19.63 -0.97 31.34
CA GLU A 652 21.05 -0.89 31.67
C GLU A 652 21.23 -1.09 33.17
N GLY A 653 21.93 -2.14 33.56
CA GLY A 653 22.13 -2.45 34.96
C GLY A 653 21.13 -3.51 35.36
N PHE A 654 20.27 -3.88 34.42
CA PHE A 654 19.16 -4.74 34.77
C PHE A 654 19.08 -5.86 33.77
N GLU A 655 20.23 -6.37 33.32
CA GLU A 655 20.23 -7.35 32.24
C GLU A 655 19.60 -8.67 32.66
N GLU A 656 19.82 -9.10 33.90
CA GLU A 656 19.15 -10.30 34.38
C GLU A 656 17.60 -10.18 34.38
N MET A 657 17.07 -9.01 34.75
CA MET A 657 15.62 -8.78 34.66
C MET A 657 15.21 -8.85 33.16
N ARG A 658 15.91 -8.13 32.30
CA ARG A 658 15.57 -8.18 30.86
C ARG A 658 15.46 -9.60 30.31
N VAL A 659 16.45 -10.44 30.59
CA VAL A 659 16.48 -11.82 30.12
C VAL A 659 15.31 -12.66 30.69
N ASP A 660 14.93 -12.39 31.92
CA ASP A 660 13.74 -13.03 32.50
C ASP A 660 12.48 -12.69 31.68
N PHE A 661 12.27 -11.40 31.46
CA PHE A 661 11.11 -10.96 30.67
C PHE A 661 11.18 -11.47 29.22
N LYS A 662 12.39 -11.48 28.64
CA LYS A 662 12.58 -12.06 27.28
C LYS A 662 12.17 -13.52 27.18
N ARG A 663 12.51 -14.32 28.19
CA ARG A 663 12.27 -15.77 28.13
C ARG A 663 10.88 -16.16 28.63
N ALA A 664 10.09 -15.22 29.14
CA ALA A 664 8.70 -15.50 29.50
C ALA A 664 7.96 -16.06 28.28
N PRO A 665 6.85 -16.80 28.49
CA PRO A 665 6.19 -17.40 27.33
C PRO A 665 5.83 -16.37 26.24
N LYS A 666 6.01 -16.80 24.98
CA LYS A 666 5.87 -15.94 23.79
C LYS A 666 4.87 -16.55 22.81
N TRP A 667 4.13 -15.69 22.11
CA TRP A 667 3.28 -16.08 20.99
C TRP A 667 4.00 -16.92 19.96
N GLY A 668 3.30 -17.91 19.42
CA GLY A 668 3.82 -18.65 18.29
C GLY A 668 4.50 -19.95 18.68
N ASN A 669 4.40 -20.34 19.95
CA ASN A 669 5.01 -21.59 20.39
C ASN A 669 3.99 -22.65 20.76
N ASP A 670 2.74 -22.44 20.37
CA ASP A 670 1.59 -23.23 20.82
C ASP A 670 1.62 -23.47 22.35
N ASP A 671 2.00 -22.44 23.09
CA ASP A 671 2.12 -22.49 24.53
C ASP A 671 0.82 -21.94 25.12
N ASP A 672 0.15 -22.77 25.94
CA ASP A 672 -1.12 -22.41 26.60
C ASP A 672 -1.11 -21.11 27.38
N TYR A 673 -0.06 -20.88 28.14
CA TYR A 673 -0.04 -19.74 29.04
C TYR A 673 -0.07 -18.44 28.22
N ALA A 674 0.83 -18.33 27.26
CA ALA A 674 0.89 -17.16 26.39
C ALA A 674 -0.40 -17.05 25.57
N ASP A 675 -0.78 -18.17 24.95
CA ASP A 675 -1.81 -18.09 23.93
C ASP A 675 -3.17 -17.83 24.55
N GLY A 676 -3.39 -18.23 25.79
CA GLY A 676 -4.69 -17.99 26.41
C GLY A 676 -4.87 -16.49 26.61
N ILE A 677 -3.80 -15.83 27.02
CA ILE A 677 -3.85 -14.41 27.29
C ILE A 677 -3.94 -13.67 25.96
N ILE A 678 -3.13 -14.09 24.99
CA ILE A 678 -3.04 -13.37 23.72
C ILE A 678 -4.29 -13.55 22.86
N THR A 679 -4.90 -14.74 22.88
CA THR A 679 -6.17 -14.95 22.19
C THR A 679 -7.25 -13.99 22.71
N ARG A 680 -7.37 -13.90 24.03
CA ARG A 680 -8.30 -12.97 24.64
C ARG A 680 -7.97 -11.53 24.21
N PHE A 681 -6.68 -11.21 24.13
CA PHE A 681 -6.25 -9.86 23.77
C PHE A 681 -6.74 -9.47 22.39
N TYR A 682 -6.54 -10.37 21.42
CA TYR A 682 -7.05 -10.17 20.07
C TYR A 682 -8.56 -10.04 20.00
N GLU A 683 -9.25 -10.96 20.66
CA GLU A 683 -10.67 -11.12 20.46
C GLU A 683 -11.46 -10.10 21.28
N GLU A 684 -11.03 -9.89 22.53
CA GLU A 684 -11.76 -9.04 23.45
C GLU A 684 -11.32 -7.59 23.29
N ILE A 685 -10.03 -7.31 23.17
CA ILE A 685 -9.65 -5.89 23.11
C ILE A 685 -9.43 -5.41 21.66
N ILE A 686 -8.46 -5.99 20.96
CA ILE A 686 -8.10 -5.49 19.64
C ILE A 686 -9.32 -5.48 18.69
N GLY A 687 -10.02 -6.60 18.62
CA GLY A 687 -11.22 -6.68 17.78
C GLY A 687 -12.49 -6.23 18.49
N GLY A 688 -12.68 -6.74 19.72
CA GLY A 688 -13.89 -6.52 20.46
C GLY A 688 -14.19 -5.05 20.70
N GLU A 689 -13.19 -4.26 21.07
CA GLU A 689 -13.47 -2.84 21.32
C GLU A 689 -13.66 -2.08 20.02
N MET A 690 -12.89 -2.45 19.00
CA MET A 690 -12.96 -1.69 17.74
C MET A 690 -14.34 -1.83 17.12
N ARG A 691 -14.87 -3.05 17.20
CA ARG A 691 -16.10 -3.44 16.55
C ARG A 691 -17.32 -2.70 17.14
N LYS A 692 -17.16 -2.10 18.30
CA LYS A 692 -18.21 -1.25 18.89
C LYS A 692 -18.41 0.03 18.09
N ILE A 693 -17.42 0.39 17.29
CA ILE A 693 -17.51 1.63 16.51
C ILE A 693 -18.18 1.35 15.17
N THR A 694 -19.06 2.27 14.76
CA THR A 694 -19.73 2.22 13.46
C THR A 694 -19.21 3.38 12.59
N ASN A 695 -18.87 3.12 11.33
CA ASN A 695 -18.35 4.20 10.49
C ASN A 695 -19.45 4.89 9.63
N TYR A 696 -19.01 5.79 8.76
CA TYR A 696 -19.87 6.55 7.88
C TYR A 696 -20.88 5.67 7.12
N SER A 697 -20.45 4.47 6.77
CA SER A 697 -21.20 3.59 5.90
C SER A 697 -22.19 2.78 6.69
N GLY A 698 -22.17 2.93 8.01
CA GLY A 698 -23.15 2.28 8.85
C GLY A 698 -22.80 0.84 9.21
N GLY A 699 -21.58 0.40 8.90
CA GLY A 699 -21.17 -0.93 9.34
C GLY A 699 -20.16 -0.85 10.50
N PRO A 700 -19.81 -2.00 11.09
CA PRO A 700 -18.80 -2.05 12.14
C PRO A 700 -17.39 -1.77 11.60
N VAL A 701 -16.46 -1.48 12.50
CA VAL A 701 -15.06 -1.39 12.12
C VAL A 701 -14.31 -2.56 12.75
N MET A 702 -13.66 -3.40 11.94
CA MET A 702 -12.94 -4.52 12.53
C MET A 702 -11.46 -4.51 12.14
N PRO A 703 -10.61 -5.22 12.92
CA PRO A 703 -9.18 -5.02 12.71
C PRO A 703 -8.61 -5.86 11.58
N THR A 704 -7.71 -5.26 10.81
CA THR A 704 -6.88 -6.01 9.88
C THR A 704 -5.43 -5.97 10.36
N GLY A 705 -5.00 -6.98 11.10
CA GLY A 705 -3.64 -6.92 11.67
C GLY A 705 -2.63 -6.94 10.53
N GLN A 706 -1.68 -6.01 10.53
CA GLN A 706 -0.61 -6.08 9.53
C GLN A 706 0.60 -5.27 10.02
N ALA A 707 1.43 -4.74 9.13
CA ALA A 707 2.68 -4.13 9.61
C ALA A 707 3.43 -3.20 8.64
N VAL A 708 3.30 -3.45 7.33
CA VAL A 708 4.18 -2.86 6.29
C VAL A 708 5.57 -2.54 6.90
N GLY A 709 6.02 -1.29 6.79
CA GLY A 709 7.27 -0.90 7.40
C GLY A 709 7.01 -0.12 8.68
N LEU A 710 5.77 0.00 9.10
CA LEU A 710 5.47 0.71 10.34
C LEU A 710 6.04 -0.04 11.57
N TYR A 711 6.21 -1.37 11.45
CA TYR A 711 6.74 -2.12 12.59
C TYR A 711 8.17 -1.68 12.86
N MET A 712 8.83 -1.18 11.83
CA MET A 712 10.15 -0.58 11.98
C MET A 712 10.08 0.85 12.51
N GLU A 713 9.23 1.68 11.90
CA GLU A 713 9.22 3.10 12.29
C GLU A 713 8.66 3.28 13.68
N VAL A 714 7.58 2.58 13.99
CA VAL A 714 7.00 2.67 15.32
C VAL A 714 7.96 2.07 16.35
N GLY A 715 8.66 0.98 15.99
CA GLY A 715 9.67 0.37 16.87
C GLY A 715 10.66 1.43 17.31
N SER A 716 11.14 2.19 16.33
CA SER A 716 12.12 3.24 16.61
C SER A 716 11.57 4.39 17.46
N ARG A 717 10.23 4.48 17.61
CA ARG A 717 9.62 5.55 18.40
C ARG A 717 9.05 5.01 19.71
N THR A 718 9.29 3.73 19.96
CA THR A 718 8.78 3.07 21.14
C THR A 718 9.92 2.70 22.12
N GLY A 719 9.72 2.99 23.41
CA GLY A 719 10.75 2.69 24.41
C GLY A 719 10.89 1.21 24.68
N PRO A 720 11.75 0.86 25.64
CA PRO A 720 11.87 -0.56 26.01
C PRO A 720 10.54 -1.07 26.54
N THR A 721 10.25 -2.35 26.30
CA THR A 721 8.97 -2.92 26.68
C THR A 721 9.21 -4.25 27.38
N PRO A 722 8.24 -4.69 28.22
CA PRO A 722 8.42 -5.91 29.02
C PRO A 722 8.53 -7.22 28.24
N ASP A 723 8.48 -7.18 26.92
CA ASP A 723 8.78 -8.39 26.16
C ASP A 723 10.30 -8.58 26.02
N GLY A 724 11.07 -7.60 26.46
CA GLY A 724 12.53 -7.71 26.38
C GLY A 724 13.22 -6.80 25.39
N ARG A 725 12.45 -6.08 24.55
CA ARG A 725 13.03 -5.07 23.67
C ARG A 725 13.82 -4.00 24.39
N PHE A 726 14.96 -3.56 23.82
CA PHE A 726 15.52 -2.27 24.15
C PHE A 726 14.76 -1.17 23.43
N GLY A 727 14.90 0.07 23.91
CA GLY A 727 14.25 1.19 23.24
C GLY A 727 14.66 1.32 21.77
N GLY A 728 13.70 1.57 20.88
CA GLY A 728 14.05 1.76 19.48
C GLY A 728 14.28 0.52 18.64
N GLU A 729 14.07 -0.66 19.21
CA GLU A 729 14.18 -1.89 18.45
C GLU A 729 12.87 -2.13 17.68
N ALA A 730 12.93 -2.92 16.62
CA ALA A 730 11.77 -3.17 15.78
C ALA A 730 10.66 -3.85 16.58
N ALA A 731 9.43 -3.59 16.16
CA ALA A 731 8.30 -4.34 16.69
C ALA A 731 8.15 -5.63 15.90
N ASP A 732 7.10 -6.39 16.19
CA ASP A 732 6.77 -7.62 15.46
C ASP A 732 6.41 -7.29 14.02
N ASP A 733 6.65 -8.22 13.09
CA ASP A 733 6.58 -7.93 11.64
C ASP A 733 5.22 -8.11 10.98
N GLY A 734 4.21 -8.57 11.72
CA GLY A 734 2.96 -8.89 11.07
C GLY A 734 1.74 -8.44 11.88
N GLY A 735 0.58 -8.95 11.51
CA GLY A 735 -0.62 -8.76 12.30
C GLY A 735 -0.69 -9.78 13.41
N ILE A 736 -0.04 -10.92 13.18
CA ILE A 736 -0.16 -12.09 14.06
C ILE A 736 1.07 -13.02 13.97
N SER A 737 2.18 -12.48 13.44
CA SER A 737 3.44 -13.21 13.44
C SER A 737 4.06 -13.27 14.82
N PRO A 738 4.72 -14.39 15.14
CA PRO A 738 5.61 -14.40 16.29
C PRO A 738 6.65 -13.31 16.18
N TYR A 739 7.04 -12.72 17.29
CA TYR A 739 8.11 -11.75 17.23
C TYR A 739 9.38 -12.47 16.78
N MET A 740 10.16 -11.80 15.93
CA MET A 740 11.35 -12.41 15.33
C MET A 740 12.25 -13.08 16.36
N GLY A 741 12.59 -14.34 16.08
CA GLY A 741 13.45 -15.09 16.96
C GLY A 741 12.84 -15.58 18.27
N THR A 742 11.52 -15.58 18.41
CA THR A 742 10.94 -16.03 19.69
C THR A 742 10.11 -17.30 19.53
N ASP A 743 9.90 -17.70 18.28
CA ASP A 743 9.21 -18.95 17.97
C ASP A 743 10.23 -20.10 17.93
N LYS A 744 10.24 -20.94 18.96
CA LYS A 744 11.27 -21.98 19.12
C LYS A 744 10.73 -23.39 18.89
N LYS A 745 9.49 -23.52 18.46
CA LYS A 745 8.87 -24.84 18.35
C LYS A 745 8.55 -25.26 16.93
N GLY A 746 9.06 -24.53 15.94
CA GLY A 746 8.83 -24.94 14.58
C GLY A 746 7.57 -24.36 13.95
N PRO A 747 7.42 -24.60 12.64
CA PRO A 747 6.38 -23.99 11.78
C PRO A 747 4.99 -24.48 12.12
N THR A 748 4.79 -25.73 12.53
CA THR A 748 3.39 -26.11 12.78
C THR A 748 2.95 -25.66 14.18
N ALA A 749 3.88 -25.49 15.12
CA ALA A 749 3.52 -24.83 16.38
C ALA A 749 2.99 -23.42 16.12
N VAL A 750 3.61 -22.71 15.18
CA VAL A 750 3.15 -21.36 14.82
C VAL A 750 1.68 -21.40 14.30
N LEU A 751 1.39 -22.32 13.39
CA LEU A 751 0.03 -22.43 12.88
C LEU A 751 -0.98 -22.65 13.99
N ARG A 752 -0.59 -23.48 14.96
CA ARG A 752 -1.50 -23.81 16.05
C ARG A 752 -1.78 -22.60 16.92
N SER A 753 -0.76 -21.84 17.27
CA SER A 753 -1.01 -20.57 17.94
C SER A 753 -1.97 -19.70 17.12
N VAL A 754 -1.60 -19.47 15.87
CA VAL A 754 -2.30 -18.46 15.07
C VAL A 754 -3.79 -18.86 14.91
N SER A 755 -4.04 -20.16 14.70
CA SER A 755 -5.41 -20.65 14.50
C SER A 755 -6.38 -20.38 15.66
N LYS A 756 -5.85 -20.02 16.83
CA LYS A 756 -6.69 -19.84 18.01
C LYS A 756 -7.48 -18.52 17.96
N VAL A 757 -6.99 -17.55 17.20
CA VAL A 757 -7.65 -16.25 17.08
C VAL A 757 -8.70 -16.38 15.99
N GLN A 758 -9.96 -16.42 16.42
CA GLN A 758 -11.04 -16.66 15.47
C GLN A 758 -12.18 -15.62 15.49
N LYS A 759 -12.28 -14.78 16.52
CA LYS A 759 -13.44 -13.87 16.60
C LYS A 759 -13.05 -12.42 16.42
N ASN A 760 -13.93 -11.65 15.77
CA ASN A 760 -13.83 -10.18 15.77
C ASN A 760 -12.66 -9.62 14.95
N GLN A 761 -12.15 -10.42 14.02
CA GLN A 761 -11.07 -9.97 13.15
C GLN A 761 -11.60 -9.75 11.75
N LYS A 762 -11.00 -8.80 11.02
CA LYS A 762 -11.24 -8.66 9.57
C LYS A 762 -10.17 -9.43 8.78
N GLY A 763 -8.95 -9.43 9.29
CA GLY A 763 -7.87 -10.20 8.69
C GLY A 763 -6.67 -10.06 9.62
N ASN A 764 -5.64 -10.86 9.38
CA ASN A 764 -4.39 -10.77 10.13
C ASN A 764 -3.22 -11.29 9.33
N LEU A 765 -2.17 -10.48 9.23
CA LEU A 765 -1.05 -10.82 8.35
C LEU A 765 -0.10 -11.78 9.09
N LEU A 766 0.15 -12.94 8.51
CA LEU A 766 1.14 -13.86 9.04
C LEU A 766 2.34 -13.98 8.09
N ASN A 767 3.52 -13.55 8.55
CA ASN A 767 4.77 -13.80 7.81
C ASN A 767 5.40 -15.08 8.30
N GLN A 768 5.81 -15.95 7.38
CA GLN A 768 6.60 -17.11 7.71
C GLN A 768 7.75 -17.22 6.69
N ARG A 769 8.84 -17.86 7.11
CA ARG A 769 10.04 -17.94 6.30
C ARG A 769 10.40 -19.42 6.26
N LEU A 770 10.51 -19.98 5.07
CA LEU A 770 10.73 -21.41 4.92
C LEU A 770 12.14 -21.71 4.40
N SER A 771 12.73 -22.80 4.90
CA SER A 771 14.04 -23.31 4.43
C SER A 771 14.14 -23.39 2.91
N VAL A 772 15.18 -22.77 2.37
CA VAL A 772 15.41 -22.76 0.95
C VAL A 772 15.56 -24.18 0.33
N PRO A 773 16.42 -25.07 0.93
CA PRO A 773 16.63 -26.39 0.32
C PRO A 773 15.35 -27.20 0.21
N ILE A 774 14.55 -27.24 1.27
CA ILE A 774 13.28 -27.97 1.16
C ILE A 774 12.38 -27.40 0.04
N MET A 775 12.20 -26.07 0.04
CA MET A 775 11.25 -25.49 -0.94
C MET A 775 11.72 -25.64 -2.37
N ARG A 776 13.03 -25.54 -2.58
CA ARG A 776 13.58 -25.73 -3.92
C ARG A 776 13.90 -27.18 -4.30
N SER A 777 13.61 -28.12 -3.40
CA SER A 777 13.78 -29.56 -3.72
C SER A 777 12.59 -30.09 -4.52
N LYS A 778 12.64 -31.34 -4.99
CA LYS A 778 11.48 -31.87 -5.73
C LYS A 778 10.27 -32.16 -4.82
N HIS A 779 10.49 -32.16 -3.51
CA HIS A 779 9.41 -32.32 -2.55
C HIS A 779 8.78 -30.99 -2.13
N GLY A 780 9.31 -29.89 -2.63
CA GLY A 780 8.83 -28.57 -2.22
C GLY A 780 7.32 -28.39 -2.44
N PHE A 781 6.83 -28.73 -3.63
CA PHE A 781 5.44 -28.38 -3.93
C PHE A 781 4.49 -29.16 -3.03
N GLU A 782 4.77 -30.45 -2.86
CA GLU A 782 3.94 -31.29 -2.01
C GLU A 782 3.89 -30.82 -0.57
N ILE A 783 5.04 -30.45 -0.01
CA ILE A 783 5.04 -30.00 1.37
C ILE A 783 4.28 -28.65 1.46
N TRP A 784 4.51 -27.77 0.50
CA TRP A 784 3.83 -26.45 0.51
C TRP A 784 2.31 -26.58 0.32
N ASN A 785 1.89 -27.42 -0.61
CA ASN A 785 0.46 -27.66 -0.85
C ASN A 785 -0.21 -28.25 0.38
N SER A 786 0.50 -29.12 1.11
CA SER A 786 0.00 -29.68 2.38
C SER A 786 -0.08 -28.62 3.48
N TYR A 787 0.97 -27.80 3.57
CA TYR A 787 0.96 -26.67 4.48
C TYR A 787 -0.30 -25.81 4.24
N ILE A 788 -0.52 -25.45 2.96
CA ILE A 788 -1.67 -24.59 2.64
C ILE A 788 -3.00 -25.27 2.92
N LYS A 789 -3.12 -26.54 2.59
CA LYS A 789 -4.35 -27.25 2.91
C LYS A 789 -4.64 -27.24 4.41
N THR A 790 -3.59 -27.44 5.18
CA THR A 790 -3.73 -27.52 6.62
C THR A 790 -4.06 -26.14 7.17
N TRP A 791 -3.32 -25.14 6.69
CA TRP A 791 -3.57 -23.74 7.07
C TRP A 791 -5.03 -23.34 6.79
N HIS A 792 -5.55 -23.81 5.67
CA HIS A 792 -6.93 -23.57 5.26
C HIS A 792 -7.91 -24.25 6.22
N ASP A 793 -7.67 -25.52 6.57
CA ASP A 793 -8.53 -26.24 7.53
C ASP A 793 -8.53 -25.61 8.92
N LEU A 794 -7.43 -25.00 9.32
CA LEU A 794 -7.34 -24.35 10.60
C LEU A 794 -8.06 -22.99 10.60
N ASN A 795 -8.63 -22.62 9.47
CA ASN A 795 -9.39 -21.38 9.33
C ASN A 795 -8.53 -20.16 9.64
N ILE A 796 -7.30 -20.17 9.12
CA ILE A 796 -6.38 -19.04 9.28
C ILE A 796 -6.57 -18.05 8.11
N ASP A 797 -6.51 -16.75 8.39
CA ASP A 797 -6.90 -15.76 7.37
C ASP A 797 -5.91 -15.63 6.23
N HIS A 798 -4.63 -15.65 6.59
CA HIS A 798 -3.59 -15.25 5.65
C HIS A 798 -2.25 -15.94 5.96
N VAL A 799 -1.42 -16.12 4.92
CA VAL A 799 0.00 -16.42 5.18
C VAL A 799 0.80 -15.99 3.95
N GLN A 800 2.04 -15.54 4.15
CA GLN A 800 2.91 -15.20 3.03
C GLN A 800 4.33 -15.57 3.44
N PHE A 801 5.16 -15.88 2.44
CA PHE A 801 6.45 -16.56 2.68
C PHE A 801 7.70 -15.87 2.14
N ASN A 802 8.71 -15.76 3.00
CA ASN A 802 10.07 -15.56 2.52
C ASN A 802 10.74 -16.92 2.26
N VAL A 803 11.52 -17.00 1.18
CA VAL A 803 12.31 -18.19 0.86
C VAL A 803 13.66 -17.65 0.38
N VAL A 804 14.55 -17.42 1.34
CA VAL A 804 15.78 -16.67 1.10
C VAL A 804 16.84 -17.02 2.16
N SER A 805 18.05 -17.36 1.74
CA SER A 805 19.08 -17.67 2.74
C SER A 805 19.67 -16.44 3.42
N THR A 806 20.02 -16.60 4.68
CA THR A 806 20.69 -15.55 5.40
C THR A 806 22.03 -15.20 4.77
N ASP A 807 22.76 -16.23 4.30
CA ASP A 807 24.04 -16.01 3.62
C ASP A 807 23.87 -14.98 2.50
N GLU A 808 22.83 -15.17 1.70
CA GLU A 808 22.62 -14.29 0.55
C GLU A 808 22.28 -12.87 0.99
N MET A 809 21.44 -12.73 2.01
CA MET A 809 21.12 -11.38 2.50
C MET A 809 22.34 -10.68 3.07
N ARG A 810 23.17 -11.41 3.83
CA ARG A 810 24.39 -10.81 4.39
C ARG A 810 25.35 -10.40 3.27
N ALA A 811 25.48 -11.24 2.23
CA ALA A 811 26.29 -10.88 1.08
C ALA A 811 25.80 -9.60 0.42
N ALA A 812 24.47 -9.43 0.33
CA ALA A 812 23.88 -8.24 -0.27
C ALA A 812 24.05 -7.00 0.59
N GLN A 813 24.22 -7.17 1.89
CA GLN A 813 24.58 -6.05 2.73
C GLN A 813 26.02 -5.62 2.48
N ARG A 814 26.92 -6.58 2.37
CA ARG A 814 28.33 -6.27 2.14
C ARG A 814 28.58 -5.63 0.78
N GLU A 815 27.88 -6.14 -0.23
CA GLU A 815 28.16 -5.81 -1.61
C GLU A 815 26.86 -5.62 -2.35
N PRO A 816 26.13 -4.55 -2.03
CA PRO A 816 24.79 -4.37 -2.62
C PRO A 816 24.82 -4.35 -4.14
N GLU A 817 25.91 -3.87 -4.73
CA GLU A 817 25.95 -3.73 -6.20
C GLU A 817 25.97 -5.09 -6.93
N LYS A 818 26.24 -6.16 -6.20
CA LYS A 818 26.26 -7.51 -6.77
C LYS A 818 24.95 -8.26 -6.53
N HIS A 819 23.96 -7.61 -5.92
CA HIS A 819 22.75 -8.30 -5.52
C HIS A 819 21.46 -7.53 -5.89
N HIS A 820 21.46 -6.94 -7.08
CA HIS A 820 20.36 -6.10 -7.53
C HIS A 820 19.05 -6.87 -7.68
N ASP A 821 19.12 -8.16 -8.01
CA ASP A 821 17.87 -8.89 -8.24
C ASP A 821 17.37 -9.66 -7.04
N LEU A 822 17.94 -9.42 -5.87
CA LEU A 822 17.44 -10.06 -4.66
C LEU A 822 16.15 -9.37 -4.18
N ILE A 823 15.04 -10.11 -4.21
CA ILE A 823 13.75 -9.62 -3.75
C ILE A 823 13.37 -10.37 -2.49
N VAL A 824 12.84 -9.66 -1.48
CA VAL A 824 12.37 -10.32 -0.27
C VAL A 824 10.97 -9.81 0.11
N ARG A 825 10.27 -10.56 0.94
CA ARG A 825 9.01 -10.13 1.53
C ARG A 825 9.29 -9.26 2.74
N VAL A 826 8.68 -8.09 2.81
CA VAL A 826 8.67 -7.31 4.02
C VAL A 826 7.37 -7.70 4.73
N SER A 827 6.32 -6.88 4.67
CA SER A 827 5.08 -7.27 5.33
C SER A 827 3.89 -6.78 4.52
N GLY A 828 3.31 -7.67 3.73
CA GLY A 828 2.20 -7.31 2.87
C GLY A 828 2.62 -6.80 1.51
N TYR A 829 3.93 -6.63 1.32
CA TYR A 829 4.48 -6.18 0.04
C TYR A 829 5.92 -6.71 -0.07
N SER A 830 6.45 -6.77 -1.29
CA SER A 830 7.83 -7.19 -1.49
C SER A 830 8.73 -6.04 -1.88
N ALA A 831 10.04 -6.22 -1.65
CA ALA A 831 10.97 -5.14 -1.88
C ALA A 831 12.28 -5.62 -2.48
N ARG A 832 13.00 -4.70 -3.11
CA ARG A 832 14.40 -4.93 -3.52
C ARG A 832 15.24 -4.81 -2.27
N PHE A 833 15.85 -5.93 -1.85
CA PHE A 833 16.53 -6.01 -0.56
C PHE A 833 17.58 -4.91 -0.37
N VAL A 834 18.39 -4.65 -1.40
CA VAL A 834 19.47 -3.66 -1.29
C VAL A 834 18.92 -2.21 -1.20
N ASP A 835 17.62 -2.05 -1.42
CA ASP A 835 17.02 -0.73 -1.28
C ASP A 835 16.36 -0.53 0.09
N ILE A 836 16.48 -1.53 0.97
CA ILE A 836 15.97 -1.43 2.35
C ILE A 836 17.11 -0.93 3.27
N PRO A 837 16.81 -0.02 4.23
CA PRO A 837 17.89 0.38 5.14
C PRO A 837 18.38 -0.80 5.97
N THR A 838 19.60 -0.68 6.48
CA THR A 838 20.21 -1.79 7.20
C THR A 838 19.34 -2.25 8.37
N TYR A 839 18.75 -1.28 9.07
CA TYR A 839 17.90 -1.59 10.22
C TYR A 839 16.79 -2.54 9.81
N GLY A 840 16.09 -2.21 8.72
CA GLY A 840 15.02 -3.05 8.23
C GLY A 840 15.52 -4.37 7.69
N GLN A 841 16.68 -4.34 7.01
CA GLN A 841 17.25 -5.59 6.47
C GLN A 841 17.49 -6.57 7.61
N ASN A 842 18.01 -6.06 8.72
CA ASN A 842 18.31 -6.94 9.83
C ASN A 842 17.09 -7.57 10.46
N THR A 843 15.96 -6.85 10.44
CA THR A 843 14.73 -7.46 10.96
C THR A 843 14.26 -8.60 10.09
N ILE A 844 14.55 -8.55 8.80
CA ILE A 844 14.16 -9.65 7.92
C ILE A 844 15.09 -10.87 8.08
N ILE A 845 16.38 -10.61 8.22
CA ILE A 845 17.34 -11.69 8.50
C ILE A 845 17.00 -12.40 9.82
N ALA A 846 16.51 -11.65 10.80
CA ALA A 846 16.21 -12.22 12.12
C ALA A 846 14.94 -13.10 12.13
N ARG A 847 14.11 -13.02 11.09
CA ARG A 847 12.94 -13.90 11.01
C ARG A 847 13.37 -15.38 10.91
N GLN A 848 12.75 -16.23 11.72
CA GLN A 848 13.19 -17.63 11.81
C GLN A 848 12.98 -18.38 10.50
N GLU A 849 14.06 -18.96 9.97
CA GLU A 849 13.92 -19.79 8.79
C GLU A 849 13.42 -21.14 9.27
N GLN A 850 12.21 -21.51 8.85
CA GLN A 850 11.57 -22.71 9.41
C GLN A 850 11.98 -23.98 8.67
N ASP A 851 12.39 -25.01 9.43
CA ASP A 851 12.60 -26.36 8.91
C ASP A 851 11.43 -27.24 9.33
N PHE A 852 11.17 -28.31 8.59
CA PHE A 852 10.08 -29.20 8.96
C PHE A 852 10.61 -30.50 9.54
N SER A 853 10.20 -30.84 10.76
CA SER A 853 10.52 -32.14 11.35
C SER A 853 9.55 -33.16 10.79
N ALA A 854 9.79 -34.45 11.04
CA ALA A 854 8.87 -35.47 10.51
C ALA A 854 7.52 -35.33 11.22
N SER A 855 7.52 -34.90 12.49
CA SER A 855 6.26 -34.66 13.16
C SER A 855 5.53 -33.45 12.52
N ASP A 856 6.26 -32.40 12.15
CA ASP A 856 5.65 -31.31 11.32
C ASP A 856 4.95 -31.86 10.08
N LEU A 857 5.65 -32.72 9.34
CA LEU A 857 5.10 -33.23 8.09
C LEU A 857 3.85 -34.12 8.27
N GLU A 858 3.86 -34.91 9.33
CA GLU A 858 2.70 -35.72 9.70
C GLU A 858 1.53 -34.82 10.07
N PHE A 859 1.81 -33.77 10.87
CA PHE A 859 0.77 -32.81 11.24
C PHE A 859 0.14 -32.22 9.98
N LEU A 860 0.96 -31.96 8.95
CA LEU A 860 0.45 -31.39 7.69
C LEU A 860 -0.18 -32.45 6.78
N ASN A 861 -0.14 -33.71 7.23
CA ASN A 861 -0.61 -34.83 6.41
C ASN A 861 0.06 -34.90 5.05
N VAL A 862 1.35 -34.60 5.01
CA VAL A 862 2.15 -34.71 3.80
C VAL A 862 2.21 -36.16 3.29
N GLU A 863 2.04 -36.35 1.98
CA GLU A 863 2.25 -37.66 1.35
C GLU A 863 3.34 -37.55 0.30
N ILE A 864 4.37 -38.35 0.40
CA ILE A 864 5.41 -38.32 -0.62
C ILE A 864 5.34 -39.55 -1.53
N GLN B 13 24.04 17.84 28.57
CA GLN B 13 24.06 18.65 27.35
C GLN B 13 24.22 17.82 26.07
N ASN B 14 24.29 16.50 26.26
CA ASN B 14 24.31 15.54 25.15
C ASN B 14 22.88 15.08 24.84
N GLN B 15 21.90 15.79 25.38
CA GLN B 15 20.49 15.57 25.05
C GLN B 15 19.94 16.85 24.47
N PRO B 16 18.94 16.73 23.57
CA PRO B 16 18.41 17.92 22.90
C PRO B 16 17.96 18.99 23.89
N HIS B 17 18.38 20.23 23.64
CA HIS B 17 17.98 21.35 24.47
C HIS B 17 17.86 22.64 23.64
N THR B 18 16.97 23.52 24.08
CA THR B 18 16.73 24.78 23.41
C THR B 18 17.97 25.65 23.46
N GLU B 19 18.23 26.35 22.36
CA GLU B 19 19.36 27.26 22.27
C GLU B 19 19.05 28.24 21.14
N VAL B 20 18.32 29.31 21.48
CA VAL B 20 17.75 30.22 20.48
C VAL B 20 18.80 30.73 19.52
N GLY B 21 18.48 30.69 18.23
CA GLY B 21 19.41 31.08 17.18
C GLY B 21 20.75 30.39 17.31
N THR B 22 20.73 29.06 17.37
CA THR B 22 21.96 28.29 17.48
C THR B 22 22.63 28.14 16.12
N ALA B 23 23.96 28.12 16.12
CA ALA B 23 24.75 27.90 14.92
C ALA B 23 24.68 26.44 14.48
N ARG B 24 24.22 25.59 15.38
CA ARG B 24 24.18 24.16 15.15
C ARG B 24 22.79 23.59 15.41
N PRO B 25 21.81 23.99 14.58
CA PRO B 25 20.46 23.49 14.74
C PRO B 25 20.35 22.00 14.37
N CYS B 26 19.46 21.27 15.04
CA CYS B 26 19.10 19.92 14.62
C CYS B 26 18.85 19.81 13.12
N ARG B 27 18.25 20.83 12.53
CA ARG B 27 17.93 20.79 11.10
C ARG B 27 19.12 20.44 10.22
N SER B 28 20.32 20.84 10.62
CA SER B 28 21.49 20.56 9.78
C SER B 28 22.28 19.34 10.24
N CYS B 29 21.85 18.72 11.32
CA CYS B 29 22.58 17.61 11.94
C CYS B 29 22.31 16.30 11.18
N LYS B 30 23.37 15.50 10.99
CA LYS B 30 23.25 14.23 10.27
C LYS B 30 22.36 13.23 11.00
N TRP B 31 22.22 13.41 12.30
CA TRP B 31 21.43 12.47 13.09
C TRP B 31 19.93 12.75 12.99
N GLN B 32 19.57 13.97 12.56
CA GLN B 32 18.18 14.40 12.41
C GLN B 32 17.58 13.93 11.09
N THR B 33 16.32 13.52 11.12
CA THR B 33 15.51 13.35 9.89
C THR B 33 14.13 13.97 10.22
N PRO B 34 13.48 14.60 9.24
CA PRO B 34 12.23 15.32 9.55
C PRO B 34 11.12 14.38 10.08
N ASP B 35 10.26 14.94 10.92
CA ASP B 35 9.04 14.29 11.40
C ASP B 35 8.17 13.75 10.24
N PRO B 36 7.50 12.61 10.43
CA PRO B 36 6.76 12.01 9.32
C PRO B 36 5.56 12.84 8.82
N THR B 37 5.00 13.71 9.66
CA THR B 37 3.80 14.48 9.29
C THR B 37 4.09 15.97 9.08
N ASP B 38 4.80 16.56 10.04
CA ASP B 38 5.02 18.01 10.08
C ASP B 38 6.51 18.36 9.94
N PRO B 39 6.89 18.95 8.80
CA PRO B 39 8.33 19.18 8.55
C PRO B 39 8.95 20.25 9.46
N HIS B 40 8.13 20.93 10.29
CA HIS B 40 8.66 21.82 11.33
C HIS B 40 9.25 21.04 12.49
N ARG B 41 8.83 19.78 12.63
CA ARG B 41 9.33 18.91 13.67
C ARG B 41 10.40 17.98 13.15
N GLY B 42 11.11 17.34 14.07
CA GLY B 42 12.18 16.44 13.66
C GLY B 42 12.29 15.16 14.48
N GLN B 43 13.13 14.24 14.01
CA GLN B 43 13.46 13.00 14.69
C GLN B 43 14.98 12.94 14.89
N CYS B 44 15.42 12.90 16.15
CA CYS B 44 16.85 12.73 16.44
C CYS B 44 17.15 11.25 16.53
N THR B 45 18.08 10.77 15.71
CA THR B 45 18.35 9.35 15.65
C THR B 45 19.71 9.04 16.32
N ALA B 46 20.22 9.97 17.12
CA ALA B 46 21.60 9.83 17.62
C ALA B 46 21.77 8.67 18.62
N ASN B 47 20.74 8.35 19.39
CA ASN B 47 20.82 7.31 20.40
C ASN B 47 20.80 5.91 19.79
N ARG B 48 21.94 5.46 19.28
CA ARG B 48 21.98 4.13 18.67
C ARG B 48 22.60 3.10 19.59
N HIS B 49 21.85 2.03 19.85
CA HIS B 49 22.22 0.99 20.79
C HIS B 49 23.10 -0.09 20.15
N ALA B 50 23.94 -0.76 20.93
CA ALA B 50 24.79 -1.84 20.39
C ALA B 50 23.98 -3.01 19.85
N MET B 51 22.75 -3.19 20.34
CA MET B 51 22.00 -4.32 19.85
C MET B 51 21.16 -3.92 18.64
N GLY B 52 21.35 -2.72 18.13
CA GLY B 52 20.68 -2.33 16.89
C GLY B 52 19.54 -1.34 17.04
N GLY B 53 19.00 -1.17 18.23
CA GLY B 53 17.96 -0.16 18.41
C GLY B 53 18.38 1.22 17.91
N VAL B 54 17.46 1.91 17.25
CA VAL B 54 17.63 3.32 16.95
C VAL B 54 16.57 4.05 17.76
N TRP B 55 16.98 4.50 18.93
CA TRP B 55 16.06 4.98 19.94
C TRP B 55 15.83 6.47 19.76
N LYS B 56 14.84 6.80 18.94
CA LYS B 56 14.64 8.19 18.48
C LYS B 56 14.15 9.13 19.57
N ARG B 57 14.40 10.43 19.39
CA ARG B 57 13.80 11.45 20.26
C ARG B 57 13.08 12.45 19.40
N TRP B 58 11.86 12.80 19.79
CA TRP B 58 11.08 13.75 19.00
C TRP B 58 11.58 15.20 19.19
N LEU B 59 11.71 15.93 18.10
CA LEU B 59 12.19 17.31 18.17
C LEU B 59 11.05 18.29 17.82
N ARG B 60 10.61 19.07 18.82
CA ARG B 60 9.55 20.08 18.69
C ARG B 60 9.91 21.17 17.74
N ASP B 61 11.20 21.46 17.69
CA ASP B 61 11.70 22.54 16.87
C ASP B 61 13.12 22.28 16.45
N VAL B 62 13.36 22.29 15.14
CA VAL B 62 14.68 21.95 14.65
C VAL B 62 15.56 23.16 14.29
N GLU B 63 15.07 24.37 14.53
CA GLU B 63 15.85 25.57 14.24
C GLU B 63 16.54 26.11 15.48
N ASN B 64 15.96 25.81 16.65
CA ASN B 64 16.43 26.38 17.90
C ASN B 64 16.75 25.33 18.96
N THR B 65 17.04 24.11 18.49
CA THR B 65 17.44 23.03 19.37
C THR B 65 18.81 22.52 18.89
N THR B 66 19.58 21.96 19.81
CA THR B 66 20.92 21.45 19.54
C THR B 66 21.34 20.55 20.67
N CYS B 67 22.44 19.83 20.48
CA CYS B 67 23.09 19.16 21.60
C CYS B 67 24.58 19.02 21.29
N SER B 68 25.35 18.41 22.18
CA SER B 68 26.79 18.34 21.97
C SER B 68 27.13 17.33 20.87
N ARG B 69 26.23 16.41 20.57
CA ARG B 69 26.55 15.42 19.54
C ARG B 69 26.33 15.97 18.12
N HIS B 70 25.92 17.23 18.01
CA HIS B 70 25.64 17.82 16.71
C HIS B 70 26.81 17.63 15.77
N GLU B 71 26.51 17.12 14.57
CA GLU B 71 27.49 16.95 13.52
C GLU B 71 26.84 17.25 12.18
N GLU B 72 27.31 18.29 11.52
CA GLU B 72 26.73 18.69 10.25
C GLU B 72 26.90 17.57 9.23
N GLY B 73 25.92 17.39 8.34
CA GLY B 73 25.99 16.31 7.37
C GLY B 73 24.67 15.63 7.09
N LYS B 74 24.73 14.52 6.35
CA LYS B 74 23.53 13.77 5.98
C LYS B 74 23.87 12.30 5.84
N LEU B 75 23.12 11.45 6.53
CA LEU B 75 23.31 10.00 6.45
C LEU B 75 22.61 9.49 5.21
N SER B 76 23.09 8.38 4.61
CA SER B 76 22.31 7.84 3.49
C SER B 76 21.12 7.09 4.07
N PHE B 77 20.20 6.68 3.21
CA PHE B 77 19.03 5.95 3.64
C PHE B 77 19.46 4.70 4.38
N ARG B 78 20.61 4.13 4.00
CA ARG B 78 21.06 2.87 4.60
C ARG B 78 21.20 2.95 6.12
N ASP B 79 21.53 4.13 6.63
CA ASP B 79 21.79 4.30 8.04
C ASP B 79 20.61 4.89 8.84
N HIS B 80 19.47 5.04 8.20
CA HIS B 80 18.26 5.56 8.87
C HIS B 80 17.26 4.42 9.04
N VAL B 81 16.15 4.68 9.72
CA VAL B 81 15.10 3.68 9.86
C VAL B 81 14.11 3.84 8.68
N ASN C 11 10.55 21.01 -31.78
CA ASN C 11 9.73 20.55 -32.91
C ASN C 11 8.21 20.75 -32.71
N PHE C 12 7.60 21.32 -33.72
CA PHE C 12 6.28 21.94 -33.65
C PHE C 12 5.30 21.20 -34.56
N PHE C 13 4.27 20.56 -33.99
CA PHE C 13 3.27 19.86 -34.80
C PHE C 13 1.85 20.36 -34.51
N PRO C 14 1.28 21.15 -35.46
CA PRO C 14 -0.10 21.67 -35.34
C PRO C 14 -1.07 20.56 -34.99
N VAL C 15 -1.98 20.83 -34.07
CA VAL C 15 -2.97 19.83 -33.68
C VAL C 15 -3.95 19.63 -34.82
N PRO C 16 -4.17 18.37 -35.24
CA PRO C 16 -5.18 18.04 -36.26
C PRO C 16 -6.50 18.73 -35.93
N LYS C 17 -7.11 19.36 -36.93
CA LYS C 17 -8.23 20.24 -36.66
C LYS C 17 -9.46 19.43 -36.25
N ASP C 18 -9.46 18.13 -36.51
CA ASP C 18 -10.54 17.26 -36.04
C ASP C 18 -10.26 16.56 -34.69
N ALA C 19 -9.18 16.94 -34.00
CA ALA C 19 -8.87 16.34 -32.69
C ALA C 19 -9.79 16.87 -31.61
N ASP C 20 -10.06 16.05 -30.59
CA ASP C 20 -10.83 16.49 -29.44
C ASP C 20 -10.25 17.74 -28.77
N ASP C 21 -8.93 17.91 -28.80
CA ASP C 21 -8.34 19.03 -28.10
C ASP C 21 -7.95 20.15 -29.03
N TYR C 22 -8.45 20.11 -30.26
CA TYR C 22 -8.11 21.19 -31.19
C TYR C 22 -8.69 22.53 -30.73
N GLU C 23 -7.83 23.54 -30.75
CA GLU C 23 -8.20 24.95 -30.60
C GLU C 23 -7.32 25.70 -31.59
N ALA C 24 -7.79 26.83 -32.10
CA ALA C 24 -7.04 27.56 -33.12
C ALA C 24 -5.66 27.97 -32.64
N GLY C 25 -4.64 27.69 -33.45
CA GLY C 25 -3.26 28.03 -33.11
C GLY C 25 -2.53 27.01 -32.23
N LYS C 26 -3.24 25.96 -31.80
CA LYS C 26 -2.67 24.97 -30.87
C LYS C 26 -1.74 23.98 -31.56
N ALA C 27 -0.62 23.65 -30.92
CA ALA C 27 0.27 22.62 -31.49
C ALA C 27 0.93 21.79 -30.40
N ASP C 28 1.37 20.57 -30.75
CA ASP C 28 2.22 19.76 -29.87
C ASP C 28 3.67 20.10 -30.09
N CYS C 29 4.36 20.50 -29.02
CA CYS C 29 5.81 20.65 -29.06
C CYS C 29 6.42 19.33 -28.60
N VAL C 30 7.17 18.69 -29.49
CA VAL C 30 7.66 17.34 -29.23
C VAL C 30 9.17 17.39 -29.26
N ARG C 31 9.79 16.87 -28.22
CA ARG C 31 11.23 16.81 -28.22
C ARG C 31 11.71 15.46 -27.72
N GLU C 32 12.85 15.06 -28.26
CA GLU C 32 13.49 13.83 -27.88
C GLU C 32 14.51 14.14 -26.81
N LYS C 33 14.57 13.30 -25.77
CA LYS C 33 15.60 13.40 -24.74
C LYS C 33 16.25 12.04 -24.53
N GLU C 34 17.45 12.02 -23.98
CA GLU C 34 18.07 10.77 -23.62
C GLU C 34 18.94 10.97 -22.38
N ASP C 35 18.82 10.11 -21.37
CA ASP C 35 19.68 10.20 -20.18
C ASP C 35 20.30 8.83 -19.94
N GLU C 36 20.87 8.63 -18.74
CA GLU C 36 21.55 7.39 -18.40
C GLU C 36 20.67 6.16 -18.61
N LYS C 37 19.37 6.29 -18.34
CA LYS C 37 18.44 5.18 -18.46
C LYS C 37 18.06 4.88 -19.92
N GLY C 38 17.68 5.90 -20.67
CA GLY C 38 17.31 5.67 -22.04
C GLY C 38 16.70 6.88 -22.71
N LYS C 39 16.15 6.61 -23.88
CA LYS C 39 15.59 7.61 -24.77
C LYS C 39 14.11 7.81 -24.51
N TYR C 40 13.64 9.04 -24.60
CA TYR C 40 12.21 9.27 -24.52
C TYR C 40 11.75 10.54 -25.25
N TRP C 41 10.44 10.67 -25.40
CA TRP C 41 9.87 11.83 -26.08
C TRP C 41 8.84 12.49 -25.19
N LEU C 42 8.87 13.82 -25.15
CA LEU C 42 7.95 14.68 -24.43
C LEU C 42 7.04 15.47 -25.39
N SER C 43 5.74 15.51 -25.11
CA SER C 43 4.77 16.27 -25.94
C SER C 43 3.99 17.24 -25.08
N LYS C 44 4.27 18.53 -25.26
CA LYS C 44 3.63 19.60 -24.50
C LYS C 44 2.79 20.47 -25.42
N PRO C 45 1.53 20.77 -25.04
CA PRO C 45 0.70 21.58 -25.92
C PRO C 45 1.11 23.05 -25.83
N ILE C 46 1.21 23.74 -26.97
CA ILE C 46 1.55 25.16 -26.97
C ILE C 46 0.65 25.92 -27.93
N PHE C 47 0.79 27.25 -27.93
CA PHE C 47 0.13 28.11 -28.92
C PHE C 47 1.09 29.00 -29.70
#